data_8I5T
#
_entry.id   8I5T
#
_cell.length_a   177.712
_cell.length_b   54.409
_cell.length_c   83.168
_cell.angle_alpha   90.000
_cell.angle_beta   90.000
_cell.angle_gamma   90.000
#
_symmetry.space_group_name_H-M   'P 21 21 2'
#
loop_
_entity.id
_entity.type
_entity.pdbx_description
1 polymer beta-glucosidase
2 branched beta-D-glucopyranose-(1-4)-beta-D-glucopyranose
3 non-polymer GLYCEROL
4 non-polymer 'CALCIUM ION'
5 non-polymer 1,2-ETHANEDIOL
6 water water
#
_entity_poly.entity_id   1
_entity_poly.type   'polypeptide(L)'
_entity_poly.pdbx_seq_one_letter_code
;AMALTGCSEKININEDKISHKIDIPDSAWTIGIGEKFKNAGHPNVKYPMIDDSYVQGAPLGGFGAGTIGRTYNGGFSRWH
LEIGKNKYTTVYANQFSVFQKVEGNKDGVAQVLYAGEPENGYLSSWKWDYPKESGMYYALYPNSWYTYTNKDLPVQLAVK
QFSPIIPYNYKETSYPVAVFKWTAYNPTNKNVDVSIMFTWQNMIGFFGKQVNVNSGNFNKIIKDKSKDSEIVAAVMGNIS
NDNEEWNGEYSIGVKKVPGVDISYKAKFVTTGDGSDLWHEFSKNGILDNKDDETPTKQDGIGSAIAVNFKLQPGQTIEVP
FALSWDLPIMKFGGGDKWYKMYTKYFGKNGKNSFAILKEALNNYQKWEKMIDDWQKPILSNKSKPDWYKTALFNELYYLA
DGGTAWENGKVGEKDKRTNNMFGLLECFDYNYYETLDVRFYGSFPLVMLWPDIEKQVMRQFADTINVQDSSEFKVGSNGA
MAVKKVQGMIPHDLGSSYALPWIKINAYDWQNPNIWKDLNSKYVLLVYRDYVLTGKTDKEFLKYTWKSVKTALDKLKEMD
KDNDGIPDNEGIPDQTYNTWSMKGTSAYCGSLWLAALKAAQEIGKVLKDNEAYIKYNEWYKIAQQNFEKELWNGEYYNFD
TESDHKDSIMADQLAGQWYADILRLGDILPKDHVQKALKKIYEFNVMKFENGKMGAVNGMRPDGIVDESDIQAQEVWTGV
TYALASFMKYRGMTEEAYNTAYGVYKMTYDKSGKGYWFRTPEAWTKDGNYRASMYMRPLSIWSMEVNYNEVLEHHHHHH
;
_entity_poly.pdbx_strand_id   A
#
loop_
_chem_comp.id
_chem_comp.type
_chem_comp.name
_chem_comp.formula
BGC D-saccharide, beta linking beta-D-glucopyranose 'C6 H12 O6'
CA non-polymer 'CALCIUM ION' 'Ca 2'
EDO non-polymer 1,2-ETHANEDIOL 'C2 H6 O2'
GOL non-polymer GLYCEROL 'C3 H8 O3'
#
# COMPACT_ATOMS: atom_id res chain seq x y z
N ASP A 16 -27.94 15.13 -7.87
CA ASP A 16 -26.99 14.13 -8.45
C ASP A 16 -27.68 13.22 -9.49
N LYS A 17 -27.57 13.59 -10.76
CA LYS A 17 -28.04 12.80 -11.92
C LYS A 17 -26.90 12.09 -12.68
N ILE A 18 -25.66 12.34 -12.29
CA ILE A 18 -24.48 11.76 -12.98
C ILE A 18 -24.20 10.35 -12.48
N SER A 19 -24.45 10.08 -11.19
CA SER A 19 -24.22 8.73 -10.59
C SER A 19 -24.84 7.59 -11.40
N HIS A 20 -26.07 7.80 -11.87
CA HIS A 20 -26.76 6.84 -12.74
C HIS A 20 -26.04 6.56 -14.07
N LYS A 21 -25.29 7.55 -14.58
CA LYS A 21 -24.53 7.41 -15.84
C LYS A 21 -23.17 6.73 -15.69
N ILE A 22 -22.76 6.43 -14.45
CA ILE A 22 -21.50 5.67 -14.19
C ILE A 22 -21.82 4.49 -13.28
N ASP A 23 -20.85 3.61 -13.05
N ASP A 23 -20.82 3.64 -13.02
CA ASP A 23 -21.08 2.45 -12.19
CA ASP A 23 -21.03 2.43 -12.23
C ASP A 23 -20.08 2.42 -11.05
C ASP A 23 -20.08 2.38 -11.04
N ILE A 24 -20.47 3.03 -9.93
CA ILE A 24 -19.67 3.01 -8.71
C ILE A 24 -20.24 1.91 -7.79
N PRO A 25 -19.39 0.99 -7.34
CA PRO A 25 -19.90 -0.04 -6.43
C PRO A 25 -20.36 0.53 -5.09
N ASP A 26 -21.39 -0.09 -4.52
CA ASP A 26 -21.91 0.36 -3.24
C ASP A 26 -20.89 0.25 -2.10
N SER A 27 -19.93 -0.66 -2.23
CA SER A 27 -18.86 -0.79 -1.25
C SER A 27 -17.75 0.25 -1.35
N ALA A 28 -17.79 1.15 -2.32
CA ALA A 28 -16.77 2.21 -2.37
C ALA A 28 -16.81 3.05 -1.12
N TRP A 29 -15.64 3.36 -0.57
CA TRP A 29 -15.51 4.36 0.48
C TRP A 29 -15.90 5.70 -0.10
N THR A 30 -16.67 6.51 0.65
N THR A 30 -16.61 6.52 0.66
CA THR A 30 -17.15 7.81 0.16
CA THR A 30 -17.04 7.80 0.12
C THR A 30 -16.85 8.93 1.14
C THR A 30 -16.94 8.94 1.13
N ILE A 31 -16.69 10.13 0.60
CA ILE A 31 -16.55 11.35 1.41
C ILE A 31 -16.92 12.51 0.52
N GLY A 32 -17.43 13.60 1.12
CA GLY A 32 -17.70 14.82 0.36
C GLY A 32 -16.40 15.50 -0.07
N ILE A 33 -16.39 16.00 -1.30
CA ILE A 33 -15.29 16.85 -1.75
C ILE A 33 -15.32 18.10 -0.90
N GLY A 34 -14.19 18.41 -0.30
CA GLY A 34 -14.08 19.55 0.60
C GLY A 34 -14.54 19.30 2.05
N GLU A 35 -14.91 18.07 2.37
CA GLU A 35 -15.41 17.75 3.71
C GLU A 35 -14.31 17.95 4.73
N LYS A 36 -14.65 18.59 5.84
CA LYS A 36 -13.75 18.68 6.98
C LYS A 36 -14.10 17.50 7.85
N PHE A 37 -13.08 16.86 8.38
CA PHE A 37 -13.25 15.74 9.30
C PHE A 37 -12.80 16.23 10.65
N LYS A 38 -13.63 16.05 11.67
CA LYS A 38 -13.38 16.66 12.98
C LYS A 38 -12.67 15.74 13.99
N ASN A 39 -12.74 14.43 13.79
CA ASN A 39 -12.29 13.52 14.84
C ASN A 39 -10.87 12.94 14.61
N ALA A 40 -10.01 13.59 13.81
CA ALA A 40 -8.83 12.86 13.32
C ALA A 40 -7.84 12.56 14.42
N GLY A 41 -7.26 11.38 14.36
CA GLY A 41 -6.21 11.00 15.30
C GLY A 41 -4.84 11.52 14.92
N HIS A 42 -3.93 11.46 15.89
CA HIS A 42 -2.59 11.94 15.73
C HIS A 42 -1.65 10.96 16.38
N PRO A 43 -0.34 11.06 16.10
CA PRO A 43 0.60 10.11 16.73
C PRO A 43 0.58 10.18 18.25
N ASN A 44 0.75 9.03 18.88
CA ASN A 44 0.73 8.93 20.35
C ASN A 44 2.10 8.65 20.97
N VAL A 45 3.16 8.85 20.19
CA VAL A 45 4.54 8.61 20.65
C VAL A 45 5.21 9.94 21.00
N LYS A 46 6.34 9.86 21.72
CA LYS A 46 6.97 11.09 22.20
C LYS A 46 7.84 11.75 21.14
N TYR A 47 8.46 10.97 20.26
CA TYR A 47 9.32 11.54 19.23
C TYR A 47 8.58 11.77 17.92
N PRO A 48 9.16 12.59 17.01
CA PRO A 48 8.51 12.92 15.75
C PRO A 48 8.05 11.70 14.92
N MET A 49 6.86 11.82 14.32
CA MET A 49 6.24 10.73 13.58
C MET A 49 5.40 11.36 12.48
N ILE A 50 5.37 10.73 11.31
CA ILE A 50 4.62 11.26 10.17
C ILE A 50 3.14 11.40 10.51
N ASP A 51 2.60 12.57 10.20
CA ASP A 51 1.17 12.80 10.27
C ASP A 51 0.82 13.73 9.13
N ASP A 52 0.37 13.15 8.01
CA ASP A 52 0.05 13.93 6.81
C ASP A 52 -1.40 14.41 6.75
N SER A 53 -2.16 14.23 7.83
CA SER A 53 -3.55 14.64 7.86
C SER A 53 -4.42 13.61 7.19
N TYR A 54 -5.71 13.86 7.31
CA TYR A 54 -6.74 12.98 6.74
C TYR A 54 -7.07 13.27 5.27
N VAL A 55 -6.44 14.29 4.65
CA VAL A 55 -6.72 14.63 3.26
C VAL A 55 -5.85 13.71 2.41
N GLN A 56 -6.41 12.56 2.08
CA GLN A 56 -5.71 11.50 1.35
C GLN A 56 -6.67 10.94 0.32
N GLY A 57 -6.15 10.05 -0.51
CA GLY A 57 -6.95 9.29 -1.46
C GLY A 57 -6.23 8.05 -1.90
N ALA A 58 -6.92 7.25 -2.72
CA ALA A 58 -6.35 6.06 -3.31
C ALA A 58 -5.20 6.43 -4.26
N PRO A 59 -4.06 5.75 -4.19
CA PRO A 59 -2.94 6.08 -5.05
C PRO A 59 -3.09 5.68 -6.51
N LEU A 60 -2.31 6.36 -7.33
CA LEU A 60 -2.15 6.05 -8.75
C LEU A 60 -0.72 5.62 -8.96
N GLY A 61 -0.51 4.68 -9.88
CA GLY A 61 0.80 4.17 -10.21
C GLY A 61 0.96 2.69 -9.87
N GLY A 62 1.76 2.03 -10.68
CA GLY A 62 2.00 0.62 -10.51
C GLY A 62 3.04 0.25 -9.48
N PHE A 63 3.20 -1.05 -9.26
CA PHE A 63 4.20 -1.56 -8.34
C PHE A 63 5.61 -1.23 -8.84
N GLY A 64 6.39 -0.58 -7.98
CA GLY A 64 7.75 -0.22 -8.31
C GLY A 64 7.89 0.99 -9.21
N ALA A 65 6.76 1.64 -9.54
CA ALA A 65 6.73 2.75 -10.46
C ALA A 65 6.98 4.10 -9.81
N GLY A 66 6.89 4.16 -8.48
CA GLY A 66 6.59 5.42 -7.80
C GLY A 66 5.10 5.67 -7.92
N THR A 67 4.50 6.16 -6.84
CA THR A 67 3.06 6.42 -6.83
C THR A 67 2.77 7.87 -6.49
N ILE A 68 1.58 8.28 -6.88
CA ILE A 68 1.09 9.63 -6.67
C ILE A 68 -0.27 9.52 -5.98
N GLY A 69 -0.36 10.10 -4.81
CA GLY A 69 -1.61 10.18 -4.07
C GLY A 69 -2.40 11.43 -4.40
N ARG A 70 -3.49 11.27 -5.13
CA ARG A 70 -4.47 12.32 -5.39
C ARG A 70 -5.55 12.21 -4.33
N THR A 71 -5.81 13.29 -3.63
CA THR A 71 -6.68 13.23 -2.45
C THR A 71 -8.14 13.43 -2.80
N TYR A 72 -9.02 13.21 -1.84
CA TYR A 72 -10.42 13.41 -2.09
C TYR A 72 -10.80 14.87 -2.38
N ASN A 73 -9.92 15.82 -2.05
CA ASN A 73 -10.14 17.21 -2.40
C ASN A 73 -9.69 17.56 -3.83
N GLY A 74 -9.05 16.63 -4.51
CA GLY A 74 -8.65 16.78 -5.90
C GLY A 74 -7.17 17.02 -6.13
N GLY A 75 -6.40 17.35 -5.07
CA GLY A 75 -5.02 17.69 -5.22
C GLY A 75 -4.07 16.51 -5.39
N PHE A 76 -3.03 16.69 -6.17
CA PHE A 76 -1.96 15.70 -6.27
C PHE A 76 -0.96 16.04 -5.18
N SER A 77 -1.04 15.30 -4.07
CA SER A 77 -0.44 15.72 -2.80
C SER A 77 0.50 14.74 -2.10
N ARG A 78 0.30 13.43 -2.23
CA ARG A 78 1.16 12.50 -1.51
C ARG A 78 2.10 11.82 -2.51
N TRP A 79 3.34 12.32 -2.55
CA TRP A 79 4.30 11.96 -3.61
C TRP A 79 5.19 10.86 -3.11
N HIS A 80 5.10 9.70 -3.74
CA HIS A 80 6.00 8.59 -3.48
C HIS A 80 6.82 8.27 -4.73
N LEU A 81 7.13 9.27 -5.53
CA LEU A 81 7.90 9.07 -6.76
C LEU A 81 9.36 8.78 -6.50
N GLU A 82 9.89 9.34 -5.41
CA GLU A 82 11.22 8.98 -4.91
C GLU A 82 11.05 7.72 -4.06
N ILE A 83 11.52 6.58 -4.58
CA ILE A 83 11.15 5.28 -4.01
C ILE A 83 11.65 5.13 -2.61
N GLY A 84 10.73 4.88 -1.68
CA GLY A 84 11.06 4.75 -0.28
C GLY A 84 10.80 5.99 0.57
N LYS A 85 10.45 7.10 -0.07
CA LYS A 85 10.20 8.37 0.62
C LYS A 85 8.75 8.77 0.48
N ASN A 86 8.25 9.46 1.50
CA ASN A 86 6.91 9.99 1.52
C ASN A 86 7.00 11.50 1.61
N LYS A 87 6.51 12.20 0.59
CA LYS A 87 6.56 13.67 0.55
C LYS A 87 5.15 14.20 0.34
N TYR A 88 4.61 14.86 1.35
CA TYR A 88 3.24 15.35 1.28
C TYR A 88 3.28 16.85 1.02
N THR A 89 2.94 17.22 -0.20
CA THR A 89 2.88 18.62 -0.61
C THR A 89 2.02 18.68 -1.88
N THR A 90 1.08 19.63 -1.91
CA THR A 90 0.21 19.75 -3.08
C THR A 90 0.93 20.55 -4.16
N VAL A 91 1.06 19.96 -5.33
CA VAL A 91 1.62 20.67 -6.49
C VAL A 91 0.43 21.32 -7.17
N TYR A 92 0.24 22.61 -6.91
CA TYR A 92 -1.03 23.25 -7.25
C TYR A 92 -1.34 23.36 -8.73
N ALA A 93 -0.32 23.39 -9.60
CA ALA A 93 -0.55 23.41 -11.03
C ALA A 93 -1.17 22.13 -11.56
N ASN A 94 -1.11 21.04 -10.79
CA ASN A 94 -1.61 19.74 -11.28
C ASN A 94 -3.10 19.62 -10.97
N GLN A 95 -3.97 19.77 -11.96
CA GLN A 95 -5.42 19.84 -11.71
C GLN A 95 -6.23 19.45 -12.92
N PHE A 96 -7.49 19.13 -12.66
CA PHE A 96 -8.51 19.22 -13.68
C PHE A 96 -9.35 20.46 -13.39
N SER A 97 -9.70 21.15 -14.46
CA SER A 97 -10.56 22.34 -14.40
C SER A 97 -11.68 22.19 -15.43
N VAL A 98 -12.76 22.93 -15.19
CA VAL A 98 -13.95 22.87 -16.05
C VAL A 98 -14.39 24.27 -16.46
N PHE A 99 -14.87 24.40 -17.70
CA PHE A 99 -15.52 25.59 -18.21
C PHE A 99 -16.91 25.16 -18.67
N GLN A 100 -17.93 25.94 -18.33
CA GLN A 100 -19.27 25.71 -18.90
C GLN A 100 -19.95 27.01 -19.28
N LYS A 101 -20.62 27.00 -20.44
CA LYS A 101 -21.43 28.15 -20.86
C LYS A 101 -22.72 27.65 -21.45
N VAL A 102 -23.84 28.16 -20.93
CA VAL A 102 -25.16 27.78 -21.41
C VAL A 102 -25.40 28.58 -22.69
N GLU A 103 -25.87 27.91 -23.73
CA GLU A 103 -26.21 28.59 -24.99
C GLU A 103 -27.18 29.73 -24.71
N GLY A 104 -26.85 30.92 -25.20
CA GLY A 104 -27.66 32.13 -24.98
C GLY A 104 -27.15 33.05 -23.88
N ASN A 105 -26.15 32.61 -23.12
CA ASN A 105 -25.53 33.46 -22.10
C ASN A 105 -24.30 34.16 -22.68
N LYS A 106 -24.05 35.36 -22.18
CA LYS A 106 -22.90 36.18 -22.57
C LYS A 106 -21.59 35.53 -22.10
N ASP A 107 -21.56 35.10 -20.84
CA ASP A 107 -20.36 34.56 -20.19
C ASP A 107 -20.55 33.13 -19.71
N GLY A 108 -19.44 32.38 -19.70
CA GLY A 108 -19.39 31.07 -19.08
C GLY A 108 -18.71 31.18 -17.72
N VAL A 109 -18.58 30.04 -17.05
CA VAL A 109 -17.92 29.95 -15.76
C VAL A 109 -16.78 28.95 -15.90
N ALA A 110 -15.66 29.23 -15.22
CA ALA A 110 -14.52 28.31 -15.16
C ALA A 110 -14.17 28.05 -13.70
N GLN A 111 -13.75 26.82 -13.38
CA GLN A 111 -13.51 26.43 -11.98
C GLN A 111 -12.46 25.32 -11.94
N VAL A 112 -11.45 25.48 -11.10
CA VAL A 112 -10.50 24.40 -10.84
C VAL A 112 -11.22 23.42 -9.94
N LEU A 113 -11.07 22.13 -10.23
CA LEU A 113 -11.73 21.10 -9.42
C LEU A 113 -10.85 20.69 -8.25
N TYR A 114 -10.60 21.65 -7.37
CA TYR A 114 -9.77 21.47 -6.19
C TYR A 114 -10.41 22.25 -5.04
N ALA A 115 -10.69 21.56 -3.93
CA ALA A 115 -11.35 22.18 -2.77
C ALA A 115 -10.28 22.77 -1.88
N GLY A 116 -9.69 23.85 -2.37
CA GLY A 116 -8.61 24.54 -1.69
C GLY A 116 -8.03 25.61 -2.58
N GLU A 117 -6.95 26.20 -2.11
CA GLU A 117 -6.20 27.20 -2.88
C GLU A 117 -4.72 27.16 -2.51
N PRO A 118 -3.85 27.72 -3.38
CA PRO A 118 -2.42 27.76 -3.09
C PRO A 118 -2.11 28.59 -1.86
N GLU A 119 -0.97 28.34 -1.22
CA GLU A 119 -0.60 29.11 -0.02
C GLU A 119 -0.02 30.49 -0.38
N ASN A 120 0.70 30.59 -1.50
CA ASN A 120 1.27 31.87 -1.96
C ASN A 120 0.51 32.40 -3.18
N GLY A 121 1.11 33.35 -3.90
CA GLY A 121 0.44 34.03 -5.02
C GLY A 121 0.58 33.40 -6.38
N TYR A 122 1.22 32.20 -6.42
CA TYR A 122 1.31 31.52 -7.69
C TYR A 122 -0.08 30.99 -8.07
N LEU A 123 -0.40 31.14 -9.34
CA LEU A 123 -1.65 30.73 -9.93
C LEU A 123 -2.86 31.47 -9.33
N SER A 124 -2.65 32.71 -8.91
CA SER A 124 -3.73 33.48 -8.29
C SER A 124 -4.87 33.78 -9.27
N SER A 125 -4.60 33.78 -10.58
CA SER A 125 -5.64 34.01 -11.57
C SER A 125 -6.66 32.89 -11.73
N TRP A 126 -6.29 31.67 -11.31
CA TRP A 126 -7.18 30.54 -11.46
C TRP A 126 -8.32 30.63 -10.44
N LYS A 127 -9.44 29.99 -10.73
CA LYS A 127 -10.60 30.01 -9.85
C LYS A 127 -10.51 28.79 -8.92
N TRP A 128 -10.10 29.07 -7.69
CA TRP A 128 -9.84 28.07 -6.66
C TRP A 128 -11.10 27.80 -5.81
N ASP A 129 -10.92 27.01 -4.76
CA ASP A 129 -11.94 26.82 -3.72
C ASP A 129 -13.22 26.23 -4.28
N TYR A 130 -13.09 25.05 -4.89
CA TYR A 130 -14.24 24.28 -5.34
C TYR A 130 -15.17 24.18 -4.10
N PRO A 131 -16.47 24.53 -4.27
CA PRO A 131 -17.31 24.66 -3.07
C PRO A 131 -17.68 23.36 -2.39
N LYS A 132 -17.93 23.41 -1.08
CA LYS A 132 -18.47 22.26 -0.35
C LYS A 132 -19.86 21.86 -0.81
N GLU A 133 -20.26 20.65 -0.42
N GLU A 133 -20.26 20.64 -0.42
CA GLU A 133 -21.56 20.06 -0.74
CA GLU A 133 -21.58 20.08 -0.74
C GLU A 133 -21.88 20.07 -2.22
C GLU A 133 -21.89 20.04 -2.22
N SER A 134 -20.85 19.91 -3.05
CA SER A 134 -20.98 20.01 -4.49
C SER A 134 -20.30 18.85 -5.24
N GLY A 135 -20.18 17.69 -4.58
CA GLY A 135 -19.53 16.56 -5.19
C GLY A 135 -19.00 15.60 -4.18
N MET A 136 -18.72 14.38 -4.65
CA MET A 136 -18.32 13.28 -3.80
C MET A 136 -17.07 12.62 -4.38
N TYR A 137 -16.28 12.06 -3.47
CA TYR A 137 -15.17 11.17 -3.83
C TYR A 137 -15.54 9.76 -3.40
N TYR A 138 -15.19 8.79 -4.25
CA TYR A 138 -15.43 7.36 -4.02
C TYR A 138 -14.17 6.59 -4.25
N ALA A 139 -13.92 5.53 -3.48
CA ALA A 139 -12.72 4.72 -3.74
C ALA A 139 -12.95 3.24 -3.48
N LEU A 140 -12.58 2.43 -4.46
CA LEU A 140 -12.51 0.98 -4.28
C LEU A 140 -11.29 0.54 -5.06
N TYR A 141 -10.16 0.59 -4.36
CA TYR A 141 -8.84 0.44 -4.96
C TYR A 141 -8.81 -0.79 -5.91
N PRO A 142 -8.32 -0.69 -7.16
CA PRO A 142 -7.47 0.40 -7.67
C PRO A 142 -8.23 1.56 -8.33
N ASN A 143 -9.57 1.52 -8.30
CA ASN A 143 -10.39 2.59 -8.84
C ASN A 143 -10.75 3.63 -7.80
N SER A 144 -10.83 4.88 -8.25
CA SER A 144 -11.49 5.93 -7.49
C SER A 144 -12.26 6.82 -8.45
N TRP A 145 -13.19 7.59 -7.88
CA TRP A 145 -14.08 8.43 -8.68
C TRP A 145 -14.32 9.75 -7.98
N TYR A 146 -14.60 10.78 -8.79
CA TYR A 146 -15.15 12.04 -8.28
C TYR A 146 -16.39 12.33 -9.07
N THR A 147 -17.40 12.83 -8.38
CA THR A 147 -18.60 13.37 -9.04
C THR A 147 -18.71 14.84 -8.70
N TYR A 148 -19.20 15.63 -9.66
CA TYR A 148 -19.29 17.08 -9.52
C TYR A 148 -20.73 17.47 -9.84
N THR A 149 -21.41 17.87 -8.78
CA THR A 149 -22.84 18.17 -8.79
C THR A 149 -22.98 19.55 -8.14
N ASN A 150 -22.91 20.57 -8.98
CA ASN A 150 -22.73 21.95 -8.54
C ASN A 150 -23.82 22.80 -9.17
N LYS A 151 -24.44 23.66 -8.36
CA LYS A 151 -25.55 24.50 -8.84
C LYS A 151 -25.15 25.45 -10.00
N ASP A 152 -23.88 25.86 -10.02
CA ASP A 152 -23.33 26.70 -11.10
C ASP A 152 -22.78 25.94 -12.30
N LEU A 153 -22.82 24.60 -12.29
CA LEU A 153 -22.35 23.79 -13.40
C LEU A 153 -23.53 22.96 -13.89
N PRO A 154 -24.28 23.48 -14.86
CA PRO A 154 -25.47 22.77 -15.33
C PRO A 154 -25.18 21.37 -15.88
N VAL A 155 -24.01 21.17 -16.48
CA VAL A 155 -23.62 19.85 -16.93
C VAL A 155 -22.93 19.17 -15.74
N GLN A 156 -23.39 17.96 -15.43
CA GLN A 156 -22.78 17.20 -14.34
C GLN A 156 -21.67 16.34 -14.90
N LEU A 157 -20.61 16.20 -14.11
CA LEU A 157 -19.39 15.52 -14.55
C LEU A 157 -19.00 14.49 -13.52
N ALA A 158 -18.35 13.45 -14.00
CA ALA A 158 -17.73 12.46 -13.13
C ALA A 158 -16.47 11.98 -13.79
N VAL A 159 -15.53 11.51 -12.98
CA VAL A 159 -14.33 10.87 -13.51
C VAL A 159 -14.08 9.58 -12.77
N LYS A 160 -13.65 8.56 -13.49
CA LYS A 160 -13.14 7.32 -12.93
C LYS A 160 -11.64 7.31 -13.19
N GLN A 161 -10.86 7.18 -12.12
CA GLN A 161 -9.39 7.20 -12.28
C GLN A 161 -8.81 5.92 -11.73
N PHE A 162 -7.79 5.40 -12.39
CA PHE A 162 -7.18 4.15 -11.95
C PHE A 162 -5.85 3.91 -12.63
N SER A 163 -5.07 3.00 -12.05
CA SER A 163 -3.95 2.35 -12.72
C SER A 163 -4.27 0.87 -12.87
N PRO A 164 -3.66 0.20 -13.87
CA PRO A 164 -4.00 -1.22 -14.13
C PRO A 164 -3.30 -2.20 -13.17
N ILE A 165 -3.80 -2.22 -11.93
CA ILE A 165 -3.31 -3.11 -10.87
C ILE A 165 -4.14 -4.39 -10.97
N ILE A 166 -3.50 -5.45 -11.45
CA ILE A 166 -4.21 -6.68 -11.85
C ILE A 166 -3.50 -7.93 -11.32
N PRO A 167 -4.18 -8.69 -10.45
CA PRO A 167 -3.61 -9.95 -9.96
C PRO A 167 -3.19 -10.86 -11.07
N TYR A 168 -2.06 -11.53 -10.84
CA TYR A 168 -1.47 -12.53 -11.74
C TYR A 168 -0.94 -11.88 -13.02
N ASN A 169 -0.80 -10.55 -13.00
CA ASN A 169 -0.26 -9.78 -14.09
C ASN A 169 0.89 -8.96 -13.51
N TYR A 170 2.07 -9.15 -14.11
CA TYR A 170 3.31 -8.54 -13.63
C TYR A 170 3.81 -7.49 -14.61
N LYS A 171 2.99 -7.15 -15.61
CA LYS A 171 3.38 -6.25 -16.68
C LYS A 171 2.66 -4.92 -16.47
N GLU A 172 1.39 -4.84 -16.84
CA GLU A 172 0.61 -3.60 -16.69
C GLU A 172 0.61 -3.16 -15.22
N THR A 173 0.64 -4.12 -14.29
CA THR A 173 0.69 -3.83 -12.85
C THR A 173 1.92 -2.99 -12.45
N SER A 174 2.99 -3.03 -13.26
CA SER A 174 4.20 -2.24 -13.01
C SER A 174 4.16 -0.83 -13.60
N TYR A 175 3.12 -0.47 -14.36
CA TYR A 175 3.23 0.72 -15.22
C TYR A 175 3.08 2.03 -14.42
N PRO A 176 3.91 3.03 -14.76
CA PRO A 176 3.78 4.37 -14.17
C PRO A 176 2.79 5.19 -14.97
N VAL A 177 1.52 4.85 -14.80
CA VAL A 177 0.46 5.44 -15.62
C VAL A 177 -0.85 5.49 -14.83
N ALA A 178 -1.69 6.44 -15.20
CA ALA A 178 -3.02 6.59 -14.64
C ALA A 178 -3.94 7.04 -15.76
N VAL A 179 -5.17 6.54 -15.71
CA VAL A 179 -6.22 6.92 -16.65
C VAL A 179 -7.30 7.69 -15.89
N PHE A 180 -7.85 8.72 -16.53
CA PHE A 180 -8.92 9.56 -16.01
C PHE A 180 -10.04 9.53 -17.07
N LYS A 181 -11.04 8.68 -16.83
CA LYS A 181 -12.16 8.47 -17.76
C LYS A 181 -13.32 9.35 -17.35
N TRP A 182 -13.55 10.42 -18.11
CA TRP A 182 -14.54 11.42 -17.78
C TRP A 182 -15.90 11.08 -18.42
N THR A 183 -16.96 11.32 -17.67
CA THR A 183 -18.33 11.24 -18.17
C THR A 183 -19.01 12.59 -17.92
N ALA A 184 -19.66 13.15 -18.96
CA ALA A 184 -20.38 14.41 -18.84
C ALA A 184 -21.82 14.20 -19.31
N TYR A 185 -22.77 14.74 -18.54
CA TYR A 185 -24.20 14.55 -18.84
C TYR A 185 -24.95 15.86 -18.64
N ASN A 186 -25.83 16.19 -19.60
CA ASN A 186 -26.63 17.41 -19.52
C ASN A 186 -28.09 17.10 -19.16
N PRO A 187 -28.47 17.27 -17.88
CA PRO A 187 -29.84 17.01 -17.45
C PRO A 187 -30.81 18.19 -17.73
N THR A 188 -30.29 19.32 -18.24
CA THR A 188 -31.09 20.54 -18.42
C THR A 188 -31.74 20.58 -19.80
N ASN A 189 -32.53 21.64 -19.97
CA ASN A 189 -33.30 21.93 -21.20
C ASN A 189 -32.57 22.83 -22.21
N LYS A 190 -31.27 23.10 -22.02
CA LYS A 190 -30.53 23.99 -22.92
C LYS A 190 -29.22 23.36 -23.34
N ASN A 191 -28.75 23.72 -24.53
CA ASN A 191 -27.40 23.32 -24.98
C ASN A 191 -26.37 23.96 -24.07
N VAL A 192 -25.30 23.21 -23.73
CA VAL A 192 -24.23 23.74 -22.88
C VAL A 192 -22.88 23.39 -23.50
N ASP A 193 -22.06 24.41 -23.68
CA ASP A 193 -20.66 24.23 -24.07
C ASP A 193 -19.83 23.89 -22.83
N VAL A 194 -19.02 22.82 -22.94
CA VAL A 194 -18.24 22.30 -21.83
C VAL A 194 -16.80 22.11 -22.25
N SER A 195 -15.87 22.47 -21.36
CA SER A 195 -14.48 22.13 -21.55
C SER A 195 -13.92 21.50 -20.25
N ILE A 196 -13.07 20.49 -20.44
CA ILE A 196 -12.32 19.84 -19.35
C ILE A 196 -10.84 20.03 -19.68
N MET A 197 -10.07 20.55 -18.73
CA MET A 197 -8.65 20.82 -18.94
C MET A 197 -7.81 20.13 -17.86
N PHE A 198 -6.77 19.43 -18.29
CA PHE A 198 -5.77 18.80 -17.42
C PHE A 198 -4.54 19.69 -17.51
N THR A 199 -4.08 20.16 -16.35
CA THR A 199 -2.83 20.90 -16.25
C THR A 199 -1.85 20.06 -15.44
N TRP A 200 -0.59 20.16 -15.81
CA TRP A 200 0.48 19.45 -15.10
C TRP A 200 1.75 20.27 -15.14
N GLN A 201 2.43 20.33 -14.01
CA GLN A 201 3.75 20.97 -13.91
C GLN A 201 4.82 20.02 -14.43
N ASN A 202 5.78 20.56 -15.19
CA ASN A 202 6.98 19.81 -15.51
C ASN A 202 7.77 19.62 -14.24
N MET A 203 7.62 18.43 -13.64
CA MET A 203 8.17 18.13 -12.33
C MET A 203 9.58 17.55 -12.35
N ILE A 204 10.26 17.59 -13.48
CA ILE A 204 11.65 17.16 -13.49
C ILE A 204 12.41 18.14 -12.61
N GLY A 205 13.13 17.58 -11.64
CA GLY A 205 13.81 18.35 -10.61
C GLY A 205 13.06 18.48 -9.29
N PHE A 206 11.82 17.99 -9.21
CA PHE A 206 11.05 17.96 -7.97
C PHE A 206 11.80 17.22 -6.88
N PHE A 207 12.50 16.15 -7.25
CA PHE A 207 13.43 15.46 -6.35
C PHE A 207 14.66 15.03 -7.10
N GLY A 208 15.73 14.77 -6.35
CA GLY A 208 16.91 14.11 -6.86
C GLY A 208 17.94 15.02 -7.49
N LYS A 209 17.62 16.29 -7.65
CA LYS A 209 18.48 17.26 -8.30
C LYS A 209 18.95 18.25 -7.22
N GLN A 210 20.27 18.35 -7.03
CA GLN A 210 20.87 19.11 -5.92
CA GLN A 210 20.82 19.12 -5.88
C GLN A 210 20.86 20.63 -6.17
N VAL A 211 21.00 21.03 -7.43
CA VAL A 211 21.02 22.45 -7.80
C VAL A 211 20.18 22.69 -9.06
N ASN A 212 19.83 23.96 -9.32
CA ASN A 212 19.23 24.37 -10.61
C ASN A 212 18.00 23.51 -10.94
N VAL A 213 17.04 23.47 -10.01
CA VAL A 213 15.98 22.45 -10.06
C VAL A 213 15.07 22.47 -11.27
N ASN A 214 14.87 23.63 -11.91
CA ASN A 214 14.08 23.70 -13.16
C ASN A 214 14.92 23.78 -14.42
N SER A 215 16.22 23.99 -14.28
CA SER A 215 17.03 24.36 -15.42
C SER A 215 17.04 23.30 -16.51
N GLY A 216 16.73 23.71 -17.73
CA GLY A 216 16.71 22.79 -18.86
C GLY A 216 15.38 22.11 -19.08
N ASN A 217 14.42 22.28 -18.16
CA ASN A 217 13.10 21.69 -18.39
C ASN A 217 12.46 22.30 -19.63
N PHE A 218 11.80 21.47 -20.42
CA PHE A 218 11.08 21.94 -21.59
C PHE A 218 9.93 21.03 -21.90
N ASN A 219 8.95 21.59 -22.60
CA ASN A 219 7.72 20.88 -22.92
C ASN A 219 7.51 20.79 -24.44
N LYS A 220 7.05 19.63 -24.90
CA LYS A 220 6.72 19.45 -26.32
C LYS A 220 5.35 18.81 -26.47
N ILE A 221 4.71 19.06 -27.59
CA ILE A 221 3.40 18.53 -27.89
C ILE A 221 3.54 17.44 -28.96
N ILE A 222 2.89 16.30 -28.71
CA ILE A 222 2.88 15.16 -29.63
C ILE A 222 1.44 15.04 -30.14
N LYS A 223 1.26 15.01 -31.45
CA LYS A 223 -0.04 14.76 -32.07
C LYS A 223 0.08 13.47 -32.84
N ASP A 224 -0.58 12.42 -32.36
CA ASP A 224 -0.50 11.10 -32.97
C ASP A 224 -1.82 10.87 -33.66
N LYS A 225 -1.82 11.03 -34.99
CA LYS A 225 -3.01 10.85 -35.82
C LYS A 225 -2.84 9.58 -36.60
N SER A 226 -3.86 8.74 -36.56
CA SER A 226 -3.96 7.60 -37.45
C SER A 226 -5.45 7.39 -37.69
N LYS A 227 -5.83 6.38 -38.44
CA LYS A 227 -7.26 6.13 -38.69
C LYS A 227 -7.99 5.81 -37.37
N ASP A 228 -9.03 6.59 -37.07
CA ASP A 228 -9.87 6.43 -35.85
C ASP A 228 -9.14 6.54 -34.53
N SER A 229 -8.02 7.25 -34.56
CA SER A 229 -7.26 7.50 -33.37
C SER A 229 -6.61 8.88 -33.57
N GLU A 230 -6.85 9.75 -32.61
CA GLU A 230 -6.08 10.97 -32.50
C GLU A 230 -5.77 11.08 -31.02
N ILE A 231 -4.49 11.13 -30.68
CA ILE A 231 -4.05 11.43 -29.33
C ILE A 231 -3.25 12.73 -29.39
N VAL A 232 -3.51 13.61 -28.44
CA VAL A 232 -2.71 14.81 -28.27
C VAL A 232 -2.13 14.76 -26.87
N ALA A 233 -0.82 14.94 -26.77
CA ALA A 233 -0.11 14.82 -25.47
C ALA A 233 0.97 15.87 -25.32
N ALA A 234 1.25 16.24 -24.07
CA ALA A 234 2.37 17.06 -23.73
C ALA A 234 3.39 16.14 -23.10
N VAL A 235 4.65 16.26 -23.52
CA VAL A 235 5.76 15.57 -22.91
C VAL A 235 6.64 16.62 -22.24
N MET A 236 6.79 16.49 -20.93
CA MET A 236 7.49 17.45 -20.09
C MET A 236 8.77 16.78 -19.62
N GLY A 237 9.90 17.23 -20.13
CA GLY A 237 11.19 16.60 -19.89
C GLY A 237 12.27 17.62 -19.70
N ASN A 238 13.52 17.23 -19.98
CA ASN A 238 14.67 18.09 -19.79
C ASN A 238 15.60 17.89 -20.99
N ILE A 239 16.31 18.95 -21.37
CA ILE A 239 17.24 18.87 -22.49
C ILE A 239 18.41 17.91 -22.23
N SER A 240 18.73 17.63 -20.99
CA SER A 240 19.79 16.67 -20.68
C SER A 240 19.41 15.25 -21.09
N ASN A 241 20.36 14.54 -21.71
CA ASN A 241 20.22 13.11 -21.99
C ASN A 241 20.88 12.25 -20.90
N ASP A 242 21.26 12.87 -19.77
CA ASP A 242 21.87 12.17 -18.64
C ASP A 242 20.94 11.12 -18.03
N ASN A 243 21.55 10.02 -17.59
CA ASN A 243 20.80 8.91 -17.01
C ASN A 243 20.98 8.97 -15.51
N GLU A 244 20.10 9.71 -14.84
CA GLU A 244 20.15 9.92 -13.40
C GLU A 244 18.75 9.79 -12.82
N GLU A 245 18.68 9.58 -11.52
CA GLU A 245 17.41 9.43 -10.79
C GLU A 245 16.41 10.54 -11.06
N TRP A 246 16.92 11.77 -11.18
CA TRP A 246 16.04 12.93 -11.37
C TRP A 246 15.50 13.13 -12.77
N ASN A 247 16.11 12.53 -13.78
CA ASN A 247 15.80 12.84 -15.18
C ASN A 247 14.82 11.82 -15.74
N GLY A 248 14.02 12.27 -16.68
CA GLY A 248 13.02 11.47 -17.32
C GLY A 248 11.97 12.41 -17.90
N GLU A 249 10.74 11.93 -17.94
CA GLU A 249 9.64 12.69 -18.55
C GLU A 249 8.34 12.46 -17.84
N TYR A 250 7.49 13.47 -17.83
CA TYR A 250 6.07 13.32 -17.51
C TYR A 250 5.28 13.57 -18.78
N SER A 251 4.16 12.88 -18.91
CA SER A 251 3.23 13.17 -20.01
C SER A 251 1.78 13.21 -19.56
N ILE A 252 1.02 14.18 -20.10
CA ILE A 252 -0.42 14.17 -19.97
C ILE A 252 -1.01 14.25 -21.36
N GLY A 253 -2.20 13.70 -21.54
CA GLY A 253 -2.79 13.69 -22.87
C GLY A 253 -4.20 13.20 -22.87
N VAL A 254 -4.81 13.23 -24.05
CA VAL A 254 -6.20 12.91 -24.23
C VAL A 254 -6.37 12.22 -25.59
N LYS A 255 -7.39 11.38 -25.67
CA LYS A 255 -7.77 10.71 -26.92
C LYS A 255 -9.05 11.34 -27.43
N LYS A 256 -9.05 11.71 -28.70
CA LYS A 256 -10.22 12.28 -29.33
C LYS A 256 -11.33 11.24 -29.39
N VAL A 257 -12.54 11.71 -29.15
CA VAL A 257 -13.75 10.92 -29.35
C VAL A 257 -14.69 11.75 -30.20
N PRO A 258 -15.66 11.10 -30.85
CA PRO A 258 -16.61 11.87 -31.63
C PRO A 258 -17.32 12.94 -30.81
N GLY A 259 -17.42 14.14 -31.38
CA GLY A 259 -18.09 15.25 -30.74
C GLY A 259 -17.23 16.16 -29.89
N VAL A 260 -15.93 15.87 -29.75
CA VAL A 260 -15.05 16.73 -28.96
C VAL A 260 -13.93 17.26 -29.82
N ASP A 261 -13.49 18.47 -29.50
CA ASP A 261 -12.29 19.03 -30.11
C ASP A 261 -11.24 19.15 -29.01
N ILE A 262 -9.98 19.11 -29.42
CA ILE A 262 -8.85 19.16 -28.48
C ILE A 262 -8.12 20.48 -28.68
N SER A 263 -7.75 21.12 -27.57
CA SER A 263 -6.82 22.22 -27.62
C SER A 263 -5.73 22.02 -26.59
N TYR A 264 -4.67 22.80 -26.70
CA TYR A 264 -3.53 22.65 -25.80
C TYR A 264 -2.77 23.93 -25.61
N LYS A 265 -1.97 23.96 -24.55
CA LYS A 265 -0.94 24.98 -24.39
C LYS A 265 0.32 24.32 -23.88
N ALA A 266 1.39 24.39 -24.68
CA ALA A 266 2.60 23.66 -24.34
C ALA A 266 3.32 24.18 -23.11
N LYS A 267 3.30 25.50 -22.89
CA LYS A 267 4.11 26.12 -21.84
C LYS A 267 3.40 27.26 -21.15
N PHE A 268 3.05 27.05 -19.89
CA PHE A 268 2.67 28.14 -19.02
C PHE A 268 3.58 28.13 -17.82
N VAL A 269 3.69 29.29 -17.17
CA VAL A 269 4.64 29.45 -16.08
C VAL A 269 3.91 29.12 -14.78
N THR A 270 4.40 28.12 -14.06
CA THR A 270 3.78 27.71 -12.80
C THR A 270 4.21 28.60 -11.63
N THR A 271 5.38 29.24 -11.76
CA THR A 271 5.90 30.18 -10.76
C THR A 271 5.52 31.62 -11.20
N GLY A 272 4.25 31.80 -11.51
CA GLY A 272 3.65 33.07 -11.97
C GLY A 272 2.17 33.03 -11.61
N ASP A 273 1.42 34.04 -12.05
CA ASP A 273 0.01 34.11 -11.65
C ASP A 273 -0.91 33.20 -12.45
N GLY A 274 -0.39 32.50 -13.46
CA GLY A 274 -1.17 31.54 -14.20
C GLY A 274 -2.09 32.09 -15.26
N SER A 275 -2.07 33.42 -15.46
CA SER A 275 -3.07 34.06 -16.31
C SER A 275 -2.73 33.85 -17.78
N ASP A 276 -1.47 33.54 -18.07
CA ASP A 276 -1.06 33.12 -19.41
C ASP A 276 -1.93 31.97 -19.94
N LEU A 277 -2.26 31.04 -19.06
CA LEU A 277 -3.21 29.97 -19.41
C LEU A 277 -4.68 30.35 -19.16
N TRP A 278 -4.95 30.86 -17.95
CA TRP A 278 -6.33 30.98 -17.47
C TRP A 278 -7.15 32.01 -18.22
N HIS A 279 -6.53 33.07 -18.73
CA HIS A 279 -7.29 34.04 -19.55
C HIS A 279 -7.85 33.39 -20.83
N GLU A 280 -7.17 32.35 -21.33
CA GLU A 280 -7.66 31.60 -22.47
C GLU A 280 -8.80 30.67 -22.06
N PHE A 281 -8.54 29.85 -21.05
CA PHE A 281 -9.52 28.84 -20.66
C PHE A 281 -10.83 29.46 -20.15
N SER A 282 -10.71 30.55 -19.39
CA SER A 282 -11.88 31.14 -18.74
C SER A 282 -12.79 31.89 -19.73
N LYS A 283 -12.27 32.24 -20.92
CA LYS A 283 -13.09 32.94 -21.91
C LYS A 283 -14.09 32.02 -22.60
N ASN A 284 -13.57 30.93 -23.17
CA ASN A 284 -14.40 30.03 -23.96
C ASN A 284 -13.99 28.56 -23.84
N GLY A 285 -13.13 28.23 -22.88
CA GLY A 285 -12.68 26.86 -22.69
C GLY A 285 -11.79 26.30 -23.77
N ILE A 286 -11.15 27.17 -24.56
CA ILE A 286 -10.32 26.77 -25.70
C ILE A 286 -8.96 27.41 -25.52
N LEU A 287 -7.92 26.59 -25.59
CA LEU A 287 -6.56 27.06 -25.43
C LEU A 287 -5.97 27.50 -26.77
N ASP A 288 -4.81 28.12 -26.67
CA ASP A 288 -4.15 28.78 -27.83
C ASP A 288 -3.47 27.86 -28.85
N ASN A 289 -3.31 26.57 -28.53
CA ASN A 289 -2.55 25.62 -29.36
C ASN A 289 -1.13 26.14 -29.64
N LYS A 290 -0.54 26.82 -28.67
CA LYS A 290 0.79 27.39 -28.83
C LYS A 290 1.85 26.38 -28.40
N ASP A 291 2.61 25.90 -29.39
CA ASP A 291 3.81 25.11 -29.13
C ASP A 291 4.96 26.03 -28.77
N ASP A 292 5.85 25.56 -27.90
CA ASP A 292 6.99 26.35 -27.46
C ASP A 292 7.93 25.46 -26.69
N GLU A 293 9.01 25.03 -27.36
CA GLU A 293 9.99 24.12 -26.76
C GLU A 293 11.13 24.84 -26.07
N THR A 294 11.01 26.15 -25.84
CA THR A 294 12.08 26.88 -25.19
C THR A 294 12.31 26.33 -23.77
N PRO A 295 13.55 25.90 -23.45
CA PRO A 295 13.78 25.43 -22.10
C PRO A 295 13.75 26.57 -21.09
N THR A 296 13.35 26.25 -19.87
CA THR A 296 13.35 27.21 -18.80
C THR A 296 14.69 27.23 -18.07
N LYS A 297 14.91 28.31 -17.31
CA LYS A 297 16.09 28.48 -16.50
C LYS A 297 15.65 28.37 -15.02
N GLN A 298 15.13 29.44 -14.45
CA GLN A 298 14.66 29.41 -13.06
C GLN A 298 13.15 29.16 -12.90
N ASP A 299 12.33 29.62 -13.85
CA ASP A 299 10.87 29.48 -13.73
C ASP A 299 10.42 28.03 -13.82
N GLY A 300 9.43 27.71 -13.02
CA GLY A 300 8.69 26.45 -13.16
C GLY A 300 7.78 26.59 -14.35
N ILE A 301 7.62 25.49 -15.09
CA ILE A 301 6.76 25.48 -16.27
C ILE A 301 5.83 24.27 -16.24
N GLY A 302 4.76 24.36 -17.02
CA GLY A 302 3.75 23.30 -17.10
C GLY A 302 3.06 23.31 -18.44
N SER A 303 2.24 22.29 -18.67
CA SER A 303 1.49 22.12 -19.90
C SER A 303 0.02 21.90 -19.61
N ALA A 304 -0.79 22.13 -20.61
CA ALA A 304 -2.25 21.99 -20.50
C ALA A 304 -2.82 21.31 -21.73
N ILE A 305 -3.74 20.38 -21.49
CA ILE A 305 -4.47 19.66 -22.53
C ILE A 305 -5.96 19.79 -22.20
N ALA A 306 -6.75 20.27 -23.17
CA ALA A 306 -8.18 20.48 -22.95
C ALA A 306 -9.02 19.84 -24.04
N VAL A 307 -10.25 19.49 -23.68
CA VAL A 307 -11.27 19.14 -24.67
C VAL A 307 -12.44 20.08 -24.54
N ASN A 308 -13.07 20.42 -25.67
CA ASN A 308 -14.28 21.21 -25.66
C ASN A 308 -15.34 20.52 -26.52
N PHE A 309 -16.58 20.61 -26.04
CA PHE A 309 -17.70 19.92 -26.68
C PHE A 309 -19.01 20.59 -26.31
N LYS A 310 -20.02 20.40 -27.16
CA LYS A 310 -21.37 20.90 -26.89
C LYS A 310 -22.24 19.72 -26.47
N LEU A 311 -22.92 19.83 -25.34
CA LEU A 311 -23.90 18.79 -24.94
C LEU A 311 -25.31 19.31 -25.12
N GLN A 312 -26.08 18.58 -25.91
CA GLN A 312 -27.50 18.86 -26.05
C GLN A 312 -28.25 18.30 -24.83
N PRO A 313 -29.50 18.74 -24.61
CA PRO A 313 -30.29 18.19 -23.52
C PRO A 313 -30.31 16.66 -23.54
N GLY A 314 -30.04 16.05 -22.39
CA GLY A 314 -30.05 14.59 -22.26
C GLY A 314 -28.87 13.84 -22.85
N GLN A 315 -27.85 14.55 -23.33
CA GLN A 315 -26.72 13.91 -24.00
C GLN A 315 -25.62 13.57 -22.99
N THR A 316 -24.98 12.42 -23.21
CA THR A 316 -23.81 11.97 -22.43
C THR A 316 -22.63 11.85 -23.35
N ILE A 317 -21.44 12.17 -22.84
CA ILE A 317 -20.21 11.92 -23.59
C ILE A 317 -19.14 11.41 -22.61
N GLU A 318 -18.28 10.53 -23.12
CA GLU A 318 -17.15 9.96 -22.35
C GLU A 318 -15.85 10.35 -23.04
N VAL A 319 -14.85 10.79 -22.26
CA VAL A 319 -13.56 11.17 -22.85
C VAL A 319 -12.44 10.77 -21.89
N PRO A 320 -11.42 10.06 -22.40
CA PRO A 320 -10.32 9.62 -21.55
C PRO A 320 -9.09 10.50 -21.65
N PHE A 321 -8.58 10.89 -20.49
CA PHE A 321 -7.26 11.51 -20.34
C PHE A 321 -6.33 10.49 -19.68
N ALA A 322 -5.04 10.76 -19.76
CA ALA A 322 -4.05 9.92 -19.07
C ALA A 322 -2.87 10.74 -18.60
N LEU A 323 -2.13 10.16 -17.66
CA LEU A 323 -0.91 10.70 -17.07
C LEU A 323 0.11 9.58 -17.02
N SER A 324 1.33 9.82 -17.49
CA SER A 324 2.43 8.87 -17.35
C SER A 324 3.67 9.56 -16.83
N TRP A 325 4.55 8.77 -16.22
CA TRP A 325 5.83 9.30 -15.73
C TRP A 325 6.92 8.28 -16.00
N ASP A 326 7.90 8.66 -16.81
CA ASP A 326 9.02 7.79 -17.12
C ASP A 326 10.22 8.34 -16.37
N LEU A 327 10.41 7.81 -15.17
CA LEU A 327 11.57 8.13 -14.31
C LEU A 327 12.26 6.80 -14.07
N PRO A 328 13.14 6.39 -15.01
CA PRO A 328 13.54 4.97 -15.03
C PRO A 328 14.43 4.52 -13.89
N ILE A 329 15.12 5.46 -13.24
CA ILE A 329 16.16 5.09 -12.26
C ILE A 329 15.72 5.45 -10.86
N MET A 330 15.80 4.50 -9.94
CA MET A 330 15.64 4.76 -8.50
C MET A 330 17.01 4.72 -7.87
N LYS A 331 17.27 5.69 -6.99
CA LYS A 331 18.51 5.73 -6.22
C LYS A 331 18.20 5.63 -4.75
N PHE A 332 18.98 4.84 -4.04
CA PHE A 332 18.85 4.70 -2.60
C PHE A 332 19.98 5.43 -1.91
N GLY A 333 19.78 5.72 -0.62
CA GLY A 333 20.71 6.61 0.10
C GLY A 333 22.13 6.10 0.22
N GLY A 334 22.31 4.78 0.14
CA GLY A 334 23.63 4.18 0.12
C GLY A 334 24.38 4.29 -1.18
N GLY A 335 23.72 4.80 -2.22
CA GLY A 335 24.36 5.11 -3.49
C GLY A 335 23.95 4.26 -4.67
N ASP A 336 23.33 3.11 -4.40
CA ASP A 336 22.96 2.18 -5.48
C ASP A 336 21.84 2.78 -6.33
N LYS A 337 21.97 2.59 -7.64
CA LYS A 337 20.98 3.00 -8.63
C LYS A 337 20.51 1.78 -9.38
N TRP A 338 19.18 1.67 -9.53
CA TRP A 338 18.51 0.54 -10.15
C TRP A 338 17.49 1.03 -11.13
N TYR A 339 17.27 0.26 -12.19
CA TYR A 339 16.16 0.51 -13.07
C TYR A 339 14.89 -0.05 -12.49
N LYS A 340 13.78 0.67 -12.72
CA LYS A 340 12.48 0.24 -12.22
C LYS A 340 11.89 -0.81 -13.15
N MET A 341 11.01 -1.64 -12.60
CA MET A 341 10.48 -2.80 -13.33
C MET A 341 9.88 -2.47 -14.70
N TYR A 342 9.09 -1.40 -14.80
CA TYR A 342 8.39 -1.10 -16.03
C TYR A 342 9.33 -0.89 -17.21
N THR A 343 10.60 -0.58 -16.94
CA THR A 343 11.57 -0.35 -18.01
C THR A 343 11.78 -1.62 -18.87
N LYS A 344 11.44 -2.79 -18.34
CA LYS A 344 11.41 -4.01 -19.13
C LYS A 344 10.51 -3.87 -20.36
N TYR A 345 9.43 -3.14 -20.21
CA TYR A 345 8.39 -3.03 -21.23
C TYR A 345 8.49 -1.80 -22.11
N PHE A 346 9.15 -0.73 -21.64
CA PHE A 346 9.21 0.53 -22.38
C PHE A 346 10.60 1.08 -22.69
N GLY A 347 11.64 0.50 -22.09
CA GLY A 347 13.00 1.00 -22.24
C GLY A 347 13.50 1.69 -20.99
N LYS A 348 14.79 1.94 -21.01
CA LYS A 348 15.54 2.48 -19.86
C LYS A 348 16.03 3.92 -20.03
N ASN A 349 15.87 4.52 -21.22
CA ASN A 349 16.49 5.83 -21.48
C ASN A 349 15.74 7.07 -20.96
N GLY A 350 14.58 6.86 -20.34
CA GLY A 350 13.82 7.97 -19.77
C GLY A 350 13.19 8.91 -20.79
N LYS A 351 13.02 8.48 -22.02
CA LYS A 351 12.41 9.30 -23.08
C LYS A 351 11.16 8.61 -23.66
N ASN A 352 10.42 7.91 -22.81
CA ASN A 352 9.36 7.00 -23.26
C ASN A 352 7.99 7.29 -22.65
N SER A 353 7.81 8.48 -22.06
CA SER A 353 6.52 8.77 -21.43
C SER A 353 5.35 8.75 -22.41
N PHE A 354 5.56 9.24 -23.64
CA PHE A 354 4.48 9.19 -24.63
C PHE A 354 4.05 7.74 -24.94
N ALA A 355 5.02 6.85 -25.11
CA ALA A 355 4.68 5.43 -25.40
C ALA A 355 3.79 4.84 -24.30
N ILE A 356 4.12 5.15 -23.05
CA ILE A 356 3.36 4.66 -21.90
C ILE A 356 1.94 5.24 -21.94
N LEU A 357 1.85 6.54 -22.17
CA LEU A 357 0.55 7.23 -22.22
C LEU A 357 -0.33 6.68 -23.33
N LYS A 358 0.27 6.47 -24.51
CA LYS A 358 -0.47 5.95 -25.66
C LYS A 358 -1.03 4.54 -25.39
N GLU A 359 -0.21 3.68 -24.80
CA GLU A 359 -0.67 2.34 -24.42
CA GLU A 359 -0.69 2.35 -24.44
C GLU A 359 -1.90 2.45 -23.52
N ALA A 360 -1.87 3.38 -22.56
CA ALA A 360 -3.00 3.56 -21.66
C ALA A 360 -4.25 4.05 -22.39
N LEU A 361 -4.11 5.08 -23.21
CA LEU A 361 -5.24 5.66 -23.88
C LEU A 361 -5.87 4.69 -24.88
N ASN A 362 -5.07 3.81 -25.46
CA ASN A 362 -5.61 2.82 -26.40
C ASN A 362 -6.11 1.53 -25.76
N ASN A 363 -5.78 1.28 -24.50
CA ASN A 363 -6.13 0.00 -23.86
C ASN A 363 -6.89 0.10 -22.56
N TYR A 364 -7.30 1.30 -22.15
CA TYR A 364 -7.87 1.47 -20.82
C TYR A 364 -9.17 0.68 -20.64
N GLN A 365 -9.97 0.52 -21.71
CA GLN A 365 -11.24 -0.21 -21.57
C GLN A 365 -10.98 -1.67 -21.26
N LYS A 366 -9.96 -2.26 -21.88
CA LYS A 366 -9.51 -3.60 -21.55
C LYS A 366 -9.09 -3.69 -20.07
N TRP A 367 -8.34 -2.69 -19.62
CA TRP A 367 -7.85 -2.72 -18.24
C TRP A 367 -8.99 -2.60 -17.24
N GLU A 368 -10.00 -1.78 -17.54
CA GLU A 368 -11.18 -1.69 -16.67
C GLU A 368 -11.88 -3.03 -16.52
N LYS A 369 -12.01 -3.75 -17.63
CA LYS A 369 -12.62 -5.08 -17.61
C LYS A 369 -11.80 -6.08 -16.81
N MET A 370 -10.47 -6.03 -16.95
CA MET A 370 -9.57 -6.87 -16.17
C MET A 370 -9.69 -6.63 -14.66
N ILE A 371 -9.83 -5.37 -14.27
CA ILE A 371 -10.06 -5.01 -12.88
C ILE A 371 -11.43 -5.52 -12.41
N ASP A 372 -12.47 -5.34 -13.23
CA ASP A 372 -13.79 -5.81 -12.88
C ASP A 372 -13.79 -7.31 -12.69
N ASP A 373 -13.09 -8.01 -13.58
CA ASP A 373 -13.01 -9.48 -13.55
C ASP A 373 -12.43 -9.96 -12.22
N TRP A 374 -11.41 -9.29 -11.69
CA TRP A 374 -10.83 -9.74 -10.43
CA TRP A 374 -10.79 -9.71 -10.42
C TRP A 374 -11.63 -9.29 -9.22
N GLN A 375 -12.29 -8.14 -9.29
CA GLN A 375 -13.11 -7.69 -8.15
C GLN A 375 -14.45 -8.41 -8.06
N LYS A 376 -14.97 -8.86 -9.20
CA LYS A 376 -16.34 -9.41 -9.27
C LYS A 376 -16.66 -10.57 -8.32
N PRO A 377 -15.77 -11.57 -8.21
CA PRO A 377 -16.09 -12.70 -7.30
C PRO A 377 -16.37 -12.29 -5.85
N ILE A 378 -15.67 -11.27 -5.36
CA ILE A 378 -15.94 -10.76 -4.03
C ILE A 378 -17.17 -9.85 -4.02
N LEU A 379 -17.23 -8.89 -4.95
CA LEU A 379 -18.32 -7.94 -4.96
C LEU A 379 -19.67 -8.61 -5.16
N SER A 380 -19.71 -9.64 -6.00
CA SER A 380 -20.95 -10.40 -6.26
C SER A 380 -21.39 -11.33 -5.11
N ASN A 381 -20.56 -11.53 -4.10
CA ASN A 381 -20.90 -12.42 -2.98
C ASN A 381 -21.76 -11.66 -1.99
N LYS A 382 -23.08 -11.86 -2.09
CA LYS A 382 -24.02 -11.11 -1.26
C LYS A 382 -24.10 -11.61 0.19
N SER A 383 -23.36 -12.65 0.56
CA SER A 383 -23.24 -13.02 1.96
C SER A 383 -22.28 -12.14 2.75
N LYS A 384 -21.42 -11.42 2.05
CA LYS A 384 -20.43 -10.57 2.72
C LYS A 384 -20.91 -9.13 2.78
N PRO A 385 -20.80 -8.47 3.95
CA PRO A 385 -21.24 -7.09 4.04
C PRO A 385 -20.35 -6.15 3.23
N ASP A 386 -20.95 -5.07 2.75
CA ASP A 386 -20.20 -4.09 1.97
C ASP A 386 -19.01 -3.48 2.75
N TRP A 387 -19.14 -3.28 4.05
CA TRP A 387 -18.03 -2.65 4.81
C TRP A 387 -16.78 -3.49 4.73
N TYR A 388 -16.94 -4.82 4.72
CA TYR A 388 -15.83 -5.74 4.64
C TYR A 388 -15.14 -5.60 3.28
N LYS A 389 -15.92 -5.43 2.21
CA LYS A 389 -15.39 -5.26 0.87
C LYS A 389 -14.65 -3.91 0.75
N THR A 390 -15.18 -2.87 1.39
CA THR A 390 -14.50 -1.58 1.47
C THR A 390 -13.07 -1.71 1.98
N ALA A 391 -12.93 -2.40 3.11
CA ALA A 391 -11.63 -2.62 3.73
C ALA A 391 -10.78 -3.55 2.89
N LEU A 392 -11.35 -4.66 2.45
CA LEU A 392 -10.56 -5.64 1.72
C LEU A 392 -9.83 -5.03 0.52
N PHE A 393 -10.58 -4.28 -0.30
CA PHE A 393 -9.97 -3.72 -1.48
C PHE A 393 -9.12 -2.51 -1.14
N ASN A 394 -9.62 -1.60 -0.30
CA ASN A 394 -8.87 -0.37 -0.07
C ASN A 394 -7.58 -0.59 0.72
N GLU A 395 -7.49 -1.64 1.56
CA GLU A 395 -6.22 -1.90 2.23
C GLU A 395 -5.10 -2.19 1.22
N LEU A 396 -5.44 -2.71 0.04
CA LEU A 396 -4.44 -2.98 -0.98
C LEU A 396 -3.72 -1.75 -1.51
N TYR A 397 -4.18 -0.55 -1.17
CA TYR A 397 -3.50 0.68 -1.54
C TYR A 397 -2.01 0.56 -1.19
N TYR A 398 -1.72 -0.12 -0.07
CA TYR A 398 -0.36 -0.16 0.47
C TYR A 398 0.60 -0.93 -0.44
N LEU A 399 0.12 -1.88 -1.23
CA LEU A 399 1.00 -2.61 -2.13
C LEU A 399 1.70 -1.70 -3.12
N ALA A 400 1.00 -0.66 -3.56
CA ALA A 400 1.59 0.36 -4.43
C ALA A 400 2.22 1.48 -3.61
N ASP A 401 1.58 1.90 -2.53
CA ASP A 401 2.00 3.08 -1.76
C ASP A 401 3.07 2.81 -0.72
N GLY A 402 3.49 1.56 -0.55
CA GLY A 402 4.48 1.24 0.50
C GLY A 402 5.95 1.34 0.10
N GLY A 403 6.32 2.37 -0.65
CA GLY A 403 7.71 2.55 -1.06
C GLY A 403 8.24 1.43 -1.93
N THR A 404 7.33 0.81 -2.68
CA THR A 404 7.58 -0.44 -3.35
C THR A 404 8.70 -0.33 -4.37
N ALA A 405 9.65 -1.24 -4.26
CA ALA A 405 10.84 -1.24 -5.11
C ALA A 405 10.86 -2.54 -5.88
N TRP A 406 11.06 -2.45 -7.19
CA TRP A 406 10.99 -3.65 -8.03
C TRP A 406 11.95 -3.43 -9.16
N GLU A 407 13.11 -4.08 -9.08
CA GLU A 407 14.24 -3.70 -9.94
C GLU A 407 14.35 -4.50 -11.25
N ASN A 408 14.82 -3.81 -12.29
CA ASN A 408 15.09 -4.42 -13.60
C ASN A 408 16.55 -4.14 -13.98
N GLY A 409 17.45 -4.41 -13.04
CA GLY A 409 18.88 -4.26 -13.25
C GLY A 409 19.51 -3.12 -12.51
N LYS A 410 20.76 -3.30 -12.09
CA LYS A 410 21.53 -2.25 -11.44
C LYS A 410 22.07 -1.38 -12.55
N VAL A 411 22.08 -0.07 -12.37
CA VAL A 411 22.61 0.83 -13.40
C VAL A 411 24.10 0.49 -13.61
N GLY A 412 24.50 0.27 -14.86
CA GLY A 412 25.87 -0.17 -15.22
C GLY A 412 26.17 -1.67 -15.10
N GLU A 413 25.16 -2.50 -14.80
CA GLU A 413 25.32 -3.94 -14.50
C GLU A 413 25.84 -4.73 -15.70
N LYS A 416 22.72 -9.10 -17.07
CA LYS A 416 21.29 -9.27 -16.81
C LYS A 416 21.02 -10.56 -16.04
N ARG A 417 20.10 -10.50 -15.08
CA ARG A 417 19.70 -11.67 -14.29
C ARG A 417 18.31 -12.14 -14.71
N THR A 418 17.94 -13.32 -14.20
CA THR A 418 16.63 -13.91 -14.50
C THR A 418 15.50 -13.24 -13.71
N ASN A 419 15.76 -12.93 -12.44
CA ASN A 419 14.73 -12.45 -11.52
C ASN A 419 14.80 -10.95 -11.30
N ASN A 420 13.71 -10.42 -10.77
CA ASN A 420 13.56 -8.98 -10.51
C ASN A 420 13.32 -8.86 -9.02
N MET A 421 14.30 -8.36 -8.27
CA MET A 421 14.15 -8.30 -6.84
C MET A 421 13.06 -7.29 -6.46
N PHE A 422 12.41 -7.54 -5.32
CA PHE A 422 11.22 -6.79 -4.90
C PHE A 422 11.31 -6.47 -3.42
N GLY A 423 10.74 -5.32 -3.04
CA GLY A 423 10.57 -5.03 -1.63
C GLY A 423 9.46 -4.04 -1.36
N LEU A 424 8.71 -4.31 -0.31
CA LEU A 424 7.67 -3.44 0.22
C LEU A 424 8.13 -2.99 1.59
N LEU A 425 7.99 -1.70 1.90
CA LEU A 425 8.39 -1.20 3.21
C LEU A 425 7.49 -1.67 4.36
N GLU A 426 8.08 -1.82 5.53
CA GLU A 426 7.33 -1.96 6.78
C GLU A 426 6.40 -0.75 6.92
N CYS A 427 6.98 0.43 6.80
CA CYS A 427 6.30 1.74 6.77
C CYS A 427 7.35 2.80 6.47
N PHE A 428 6.97 4.07 6.51
CA PHE A 428 7.91 5.15 6.24
C PHE A 428 8.62 5.61 7.50
N ASP A 429 7.99 5.52 8.66
CA ASP A 429 8.63 5.89 9.95
C ASP A 429 9.72 4.89 10.30
N TYR A 430 9.47 3.63 9.97
CA TYR A 430 10.40 2.53 10.20
C TYR A 430 10.77 1.97 8.82
N ASN A 431 11.76 2.61 8.19
CA ASN A 431 12.01 2.49 6.75
C ASN A 431 12.85 1.27 6.45
N TYR A 432 12.22 0.09 6.54
CA TYR A 432 12.90 -1.18 6.33
C TYR A 432 12.12 -1.99 5.32
N TYR A 433 12.83 -2.61 4.37
CA TYR A 433 12.19 -3.46 3.35
C TYR A 433 11.89 -4.87 3.85
N GLU A 434 10.64 -5.27 3.66
CA GLU A 434 10.19 -6.64 3.88
C GLU A 434 10.37 -7.18 5.28
N THR A 435 10.28 -6.30 6.26
CA THR A 435 10.41 -6.72 7.64
C THR A 435 9.68 -8.04 7.89
N LEU A 436 10.43 -9.10 8.24
CA LEU A 436 9.89 -10.46 8.12
C LEU A 436 8.83 -10.72 9.17
N ASP A 437 9.05 -10.24 10.39
CA ASP A 437 8.08 -10.44 11.47
C ASP A 437 6.75 -9.76 11.20
N VAL A 438 6.79 -8.74 10.34
CA VAL A 438 5.60 -8.01 9.89
C VAL A 438 5.00 -8.66 8.63
N ARG A 439 5.83 -9.05 7.67
CA ARG A 439 5.32 -9.66 6.43
C ARG A 439 4.63 -11.02 6.69
N PHE A 440 4.96 -11.67 7.79
CA PHE A 440 4.23 -12.86 8.24
C PHE A 440 2.72 -12.59 8.25
N TYR A 441 2.34 -11.36 8.60
CA TYR A 441 0.94 -10.91 8.55
C TYR A 441 0.65 -10.23 7.22
N GLY A 442 1.53 -9.31 6.79
CA GLY A 442 1.20 -8.38 5.69
C GLY A 442 1.36 -8.87 4.26
N SER A 443 1.93 -10.05 4.07
CA SER A 443 2.22 -10.56 2.75
C SER A 443 1.08 -11.38 2.11
N PHE A 444 -0.05 -11.51 2.79
CA PHE A 444 -1.17 -12.29 2.23
C PHE A 444 -1.61 -11.86 0.82
N PRO A 445 -1.74 -10.54 0.55
CA PRO A 445 -2.13 -10.17 -0.80
C PRO A 445 -1.13 -10.64 -1.86
N LEU A 446 0.15 -10.63 -1.53
CA LEU A 446 1.16 -11.07 -2.50
C LEU A 446 1.05 -12.56 -2.79
N VAL A 447 0.97 -13.40 -1.76
CA VAL A 447 0.83 -14.83 -2.03
C VAL A 447 -0.47 -15.16 -2.76
N MET A 448 -1.54 -14.42 -2.44
CA MET A 448 -2.86 -14.73 -3.01
C MET A 448 -3.05 -14.19 -4.41
N LEU A 449 -2.43 -13.05 -4.70
CA LEU A 449 -2.71 -12.31 -5.95
C LEU A 449 -1.53 -12.06 -6.88
N TRP A 450 -0.31 -12.04 -6.33
CA TRP A 450 0.93 -11.90 -7.11
C TRP A 450 1.98 -12.88 -6.64
N PRO A 451 1.65 -14.19 -6.70
CA PRO A 451 2.52 -15.18 -6.06
C PRO A 451 3.95 -15.28 -6.60
N ASP A 452 4.19 -14.90 -7.85
CA ASP A 452 5.57 -14.91 -8.37
C ASP A 452 6.44 -13.86 -7.65
N ILE A 453 5.84 -12.73 -7.26
CA ILE A 453 6.55 -11.76 -6.43
C ILE A 453 6.83 -12.32 -5.04
N GLU A 454 5.79 -12.89 -4.43
CA GLU A 454 5.94 -13.49 -3.11
C GLU A 454 7.06 -14.52 -3.05
N LYS A 455 7.11 -15.41 -4.02
CA LYS A 455 8.15 -16.45 -4.02
C LYS A 455 9.55 -15.86 -4.21
N GLN A 456 9.67 -14.85 -5.06
CA GLN A 456 10.92 -14.10 -5.21
C GLN A 456 11.38 -13.48 -3.89
N VAL A 457 10.46 -12.85 -3.16
CA VAL A 457 10.85 -12.28 -1.87
C VAL A 457 11.34 -13.37 -0.92
N MET A 458 10.65 -14.51 -0.87
CA MET A 458 11.09 -15.55 0.04
C MET A 458 12.41 -16.18 -0.38
N ARG A 459 12.69 -16.28 -1.68
CA ARG A 459 14.03 -16.73 -2.10
C ARG A 459 15.10 -15.70 -1.69
N GLN A 460 14.76 -14.41 -1.75
CA GLN A 460 15.67 -13.39 -1.24
C GLN A 460 16.06 -13.68 0.21
N PHE A 461 15.06 -13.97 1.04
CA PHE A 461 15.31 -14.37 2.42
C PHE A 461 16.12 -15.66 2.54
N ALA A 462 15.79 -16.67 1.74
CA ALA A 462 16.56 -17.93 1.77
C ALA A 462 18.05 -17.68 1.56
N ASP A 463 18.37 -16.81 0.62
CA ASP A 463 19.76 -16.50 0.26
C ASP A 463 20.54 -15.83 1.39
N THR A 464 19.85 -15.23 2.36
CA THR A 464 20.51 -14.55 3.49
C THR A 464 20.83 -15.46 4.68
N ILE A 465 20.28 -16.68 4.71
CA ILE A 465 20.32 -17.49 5.94
C ILE A 465 21.74 -17.63 6.50
N ASN A 466 22.69 -17.98 5.63
CA ASN A 466 24.04 -18.24 6.09
C ASN A 466 25.00 -17.07 5.89
N VAL A 467 24.48 -15.89 5.55
CA VAL A 467 25.31 -14.70 5.53
C VAL A 467 25.77 -14.43 6.96
N GLN A 468 27.04 -14.07 7.10
CA GLN A 468 27.63 -13.69 8.39
C GLN A 468 28.25 -12.33 8.18
N ASP A 469 27.94 -11.39 9.06
CA ASP A 469 28.63 -10.12 9.12
C ASP A 469 28.97 -9.89 10.58
N SER A 470 30.26 -10.11 10.89
CA SER A 470 30.76 -10.02 12.25
C SER A 470 31.03 -8.58 12.72
N SER A 471 30.94 -7.61 11.81
CA SER A 471 31.04 -6.21 12.21
C SER A 471 29.93 -5.87 13.20
N GLU A 472 30.27 -5.07 14.20
CA GLU A 472 29.37 -4.79 15.30
C GLU A 472 28.74 -3.41 15.18
N PHE A 473 27.45 -3.32 15.56
CA PHE A 473 26.70 -2.07 15.50
C PHE A 473 26.22 -1.72 16.90
N LYS A 474 26.02 -0.43 17.13
CA LYS A 474 25.47 0.07 18.38
C LYS A 474 23.95 -0.10 18.37
N VAL A 475 23.43 -0.81 19.37
CA VAL A 475 22.01 -1.08 19.47
C VAL A 475 21.32 0.18 20.01
N GLY A 476 20.32 0.68 19.27
CA GLY A 476 19.66 1.94 19.61
C GLY A 476 18.96 1.99 20.96
N SER A 477 18.29 0.90 21.32
CA SER A 477 17.46 0.89 22.53
C SER A 477 18.27 0.94 23.84
N ASN A 478 19.40 0.23 23.89
CA ASN A 478 20.21 0.12 25.13
C ASN A 478 21.67 0.58 25.04
N GLY A 479 22.17 0.85 23.83
CA GLY A 479 23.57 1.22 23.63
C GLY A 479 24.59 0.08 23.61
N ALA A 480 24.12 -1.17 23.67
CA ALA A 480 25.02 -2.32 23.58
C ALA A 480 25.58 -2.48 22.18
N MET A 481 26.72 -3.18 22.06
CA MET A 481 27.27 -3.56 20.76
C MET A 481 26.74 -4.94 20.39
N ALA A 482 26.33 -5.10 19.14
CA ALA A 482 25.84 -6.39 18.65
C ALA A 482 26.37 -6.67 17.27
N VAL A 483 26.55 -7.96 16.97
CA VAL A 483 26.94 -8.42 15.66
C VAL A 483 25.80 -8.18 14.65
N LYS A 484 26.17 -7.73 13.45
CA LYS A 484 25.20 -7.34 12.42
C LYS A 484 24.34 -8.52 11.93
N LYS A 485 24.99 -9.59 11.53
CA LYS A 485 24.27 -10.73 10.97
C LYS A 485 24.93 -12.04 11.37
N VAL A 486 24.19 -12.88 12.08
CA VAL A 486 24.67 -14.20 12.54
C VAL A 486 24.27 -15.30 11.54
N GLN A 487 25.22 -16.18 11.23
CA GLN A 487 24.97 -17.34 10.35
C GLN A 487 23.82 -18.19 10.91
N GLY A 488 22.84 -18.48 10.06
CA GLY A 488 21.71 -19.32 10.46
C GLY A 488 20.50 -18.60 11.04
N MET A 489 20.62 -17.29 11.26
CA MET A 489 19.52 -16.48 11.76
C MET A 489 18.96 -15.67 10.60
N ILE A 490 17.63 -15.71 10.48
CA ILE A 490 16.95 -14.95 9.43
C ILE A 490 17.04 -13.47 9.80
N PRO A 491 17.24 -12.59 8.78
CA PRO A 491 17.33 -11.17 9.06
C PRO A 491 15.97 -10.56 9.35
N HIS A 492 15.98 -9.51 10.15
CA HIS A 492 14.80 -8.68 10.39
C HIS A 492 14.24 -8.06 9.11
N ASP A 493 15.13 -7.64 8.22
CA ASP A 493 14.75 -6.89 7.02
C ASP A 493 15.79 -7.02 5.93
N LEU A 494 15.44 -6.58 4.72
CA LEU A 494 16.33 -6.61 3.56
C LEU A 494 16.90 -5.23 3.25
N GLY A 495 17.02 -4.38 4.27
CA GLY A 495 17.65 -3.09 4.09
C GLY A 495 16.70 -1.91 4.20
N SER A 496 17.22 -0.71 3.99
CA SER A 496 16.46 0.52 4.07
C SER A 496 16.66 1.33 2.81
N SER A 497 15.64 2.09 2.43
CA SER A 497 15.79 2.98 1.26
C SER A 497 16.84 4.08 1.50
N TYR A 498 17.16 4.35 2.77
CA TYR A 498 18.21 5.32 3.12
C TYR A 498 19.61 4.74 2.95
N ALA A 499 19.69 3.42 2.74
CA ALA A 499 20.96 2.69 2.69
C ALA A 499 20.97 1.82 1.39
N LEU A 500 21.04 0.49 1.48
CA LEU A 500 21.20 -0.34 0.29
C LEU A 500 20.24 -1.52 0.33
N PRO A 501 18.99 -1.31 -0.12
CA PRO A 501 18.05 -2.43 -0.23
C PRO A 501 18.64 -3.60 -0.99
N TRP A 502 18.35 -4.79 -0.46
CA TRP A 502 18.74 -6.10 -0.99
C TRP A 502 20.21 -6.44 -0.76
N ILE A 503 21.07 -5.43 -0.65
CA ILE A 503 22.52 -5.63 -0.57
C ILE A 503 22.99 -5.64 0.87
N LYS A 504 22.51 -4.69 1.66
CA LYS A 504 22.83 -4.58 3.08
C LYS A 504 21.59 -4.86 3.90
N ILE A 505 21.50 -6.09 4.40
CA ILE A 505 20.36 -6.54 5.21
C ILE A 505 20.47 -6.08 6.67
N ASN A 506 19.40 -6.26 7.45
CA ASN A 506 19.36 -5.85 8.86
C ASN A 506 19.72 -4.37 9.04
N ALA A 507 19.07 -3.51 8.26
CA ALA A 507 19.20 -2.09 8.53
C ALA A 507 18.64 -1.71 9.90
N TYR A 508 17.67 -2.47 10.38
CA TYR A 508 17.12 -2.26 11.71
C TYR A 508 18.22 -2.44 12.74
N ASP A 509 18.41 -1.41 13.55
CA ASP A 509 19.44 -1.42 14.62
C ASP A 509 18.92 -1.02 16.01
N TRP A 510 17.61 -0.87 16.16
CA TRP A 510 17.01 -0.48 17.44
C TRP A 510 17.23 -1.59 18.48
N GLN A 511 17.20 -2.83 18.00
N GLN A 511 17.10 -2.84 18.04
CA GLN A 511 17.48 -4.01 18.79
CA GLN A 511 17.40 -4.03 18.84
C GLN A 511 18.29 -4.97 17.94
C GLN A 511 18.26 -4.96 17.98
N ASN A 512 18.70 -6.08 18.55
CA ASN A 512 19.46 -7.09 17.83
C ASN A 512 18.54 -8.23 17.35
N PRO A 513 18.21 -8.26 16.04
CA PRO A 513 17.29 -9.30 15.54
C PRO A 513 17.90 -10.70 15.48
N ASN A 514 19.22 -10.83 15.63
CA ASN A 514 19.87 -12.14 15.60
C ASN A 514 19.55 -13.02 16.81
N ILE A 515 18.99 -12.44 17.87
CA ILE A 515 18.53 -13.23 19.02
C ILE A 515 17.00 -13.30 19.08
N TRP A 516 16.28 -12.86 18.04
CA TRP A 516 14.83 -12.97 18.09
C TRP A 516 14.42 -14.44 17.96
N LYS A 517 13.31 -14.78 18.60
CA LYS A 517 12.84 -16.16 18.68
C LYS A 517 11.69 -16.45 17.73
N ASP A 518 11.20 -15.44 17.01
CA ASP A 518 10.08 -15.61 16.05
C ASP A 518 10.47 -15.57 14.58
N LEU A 519 11.58 -14.92 14.24
CA LEU A 519 11.92 -14.72 12.84
C LEU A 519 12.15 -16.06 12.13
N ASN A 520 12.94 -16.95 12.74
CA ASN A 520 13.26 -18.21 12.08
C ASN A 520 12.03 -19.10 11.88
N SER A 521 11.12 -19.12 12.86
CA SER A 521 9.88 -19.90 12.75
CA SER A 521 9.90 -19.91 12.74
C SER A 521 8.94 -19.27 11.74
N LYS A 522 8.79 -17.96 11.79
CA LYS A 522 7.90 -17.26 10.83
C LYS A 522 8.40 -17.47 9.39
N TYR A 523 9.72 -17.48 9.22
CA TYR A 523 10.31 -17.73 7.91
C TYR A 523 9.87 -19.09 7.34
N VAL A 524 10.01 -20.13 8.17
CA VAL A 524 9.62 -21.47 7.76
C VAL A 524 8.11 -21.52 7.43
N LEU A 525 7.31 -20.91 8.29
CA LEU A 525 5.86 -20.86 8.06
C LEU A 525 5.47 -20.13 6.78
N LEU A 526 6.18 -19.04 6.47
CA LEU A 526 6.00 -18.34 5.21
C LEU A 526 6.34 -19.21 4.00
N VAL A 527 7.43 -19.96 4.08
CA VAL A 527 7.82 -20.84 2.99
C VAL A 527 6.70 -21.88 2.75
N TYR A 528 6.24 -22.55 3.80
CA TYR A 528 5.25 -23.60 3.60
C TYR A 528 3.93 -22.97 3.17
N ARG A 529 3.58 -21.83 3.75
CA ARG A 529 2.38 -21.11 3.29
C ARG A 529 2.41 -20.90 1.78
N ASP A 530 3.55 -20.46 1.26
CA ASP A 530 3.67 -20.07 -0.14
C ASP A 530 3.54 -21.29 -1.06
N TYR A 531 3.97 -22.45 -0.57
CA TYR A 531 3.70 -23.71 -1.28
C TYR A 531 2.23 -24.10 -1.25
N VAL A 532 1.63 -24.05 -0.06
CA VAL A 532 0.23 -24.48 0.10
C VAL A 532 -0.76 -23.60 -0.68
N LEU A 533 -0.62 -22.28 -0.53
CA LEU A 533 -1.56 -21.34 -1.15
C LEU A 533 -1.36 -21.13 -2.64
N THR A 534 -0.33 -21.73 -3.24
CA THR A 534 -0.18 -21.73 -4.68
C THR A 534 -0.39 -23.14 -5.30
N GLY A 535 -1.11 -24.00 -4.57
CA GLY A 535 -1.60 -25.27 -5.12
C GLY A 535 -0.87 -26.54 -4.73
N LYS A 536 0.10 -26.44 -3.81
CA LYS A 536 0.95 -27.59 -3.43
C LYS A 536 1.60 -28.26 -4.63
N THR A 537 2.02 -27.46 -5.61
CA THR A 537 2.68 -27.95 -6.82
C THR A 537 4.14 -27.51 -6.98
N ASP A 538 4.57 -26.46 -6.28
CA ASP A 538 5.88 -25.87 -6.54
C ASP A 538 6.97 -26.52 -5.68
N LYS A 539 7.32 -27.75 -6.07
CA LYS A 539 8.38 -28.48 -5.40
C LYS A 539 9.74 -27.80 -5.60
N GLU A 540 9.93 -27.12 -6.73
CA GLU A 540 11.18 -26.41 -6.99
C GLU A 540 11.41 -25.30 -5.95
N PHE A 541 10.32 -24.62 -5.55
CA PHE A 541 10.39 -23.60 -4.49
C PHE A 541 10.76 -24.21 -3.14
N LEU A 542 10.15 -25.35 -2.79
CA LEU A 542 10.53 -26.07 -1.58
C LEU A 542 11.99 -26.55 -1.65
N LYS A 543 12.41 -27.05 -2.81
CA LYS A 543 13.81 -27.47 -2.97
C LYS A 543 14.77 -26.29 -2.79
N TYR A 544 14.45 -25.15 -3.39
CA TYR A 544 15.33 -23.97 -3.29
C TYR A 544 15.52 -23.52 -1.85
N THR A 545 14.45 -23.58 -1.05
CA THR A 545 14.43 -23.08 0.32
C THR A 545 14.73 -24.10 1.43
N TRP A 546 14.85 -25.38 1.08
CA TRP A 546 14.88 -26.44 2.10
C TRP A 546 16.07 -26.37 3.05
N LYS A 547 17.25 -26.15 2.50
CA LYS A 547 18.42 -26.00 3.36
C LYS A 547 18.27 -24.87 4.36
N SER A 548 17.72 -23.74 3.93
CA SER A 548 17.51 -22.62 4.83
C SER A 548 16.48 -22.92 5.91
N VAL A 549 15.44 -23.68 5.56
CA VAL A 549 14.41 -24.08 6.52
C VAL A 549 15.02 -24.94 7.63
N LYS A 550 15.79 -25.94 7.25
CA LYS A 550 16.43 -26.81 8.21
C LYS A 550 17.41 -26.07 9.09
N THR A 551 18.24 -25.23 8.48
CA THR A 551 19.16 -24.37 9.23
C THR A 551 18.43 -23.47 10.21
N ALA A 552 17.36 -22.81 9.75
CA ALA A 552 16.62 -21.92 10.63
C ALA A 552 16.07 -22.62 11.89
N LEU A 553 15.48 -23.80 11.71
CA LEU A 553 14.92 -24.52 12.86
C LEU A 553 16.02 -25.06 13.77
N ASP A 554 17.10 -25.52 13.16
CA ASP A 554 18.21 -26.09 13.94
C ASP A 554 18.86 -25.03 14.80
N LYS A 555 19.04 -23.82 14.25
CA LYS A 555 19.59 -22.73 15.07
C LYS A 555 18.67 -22.31 16.20
N LEU A 556 17.37 -22.26 15.93
CA LEU A 556 16.42 -21.90 16.94
C LEU A 556 16.37 -22.90 18.11
N LYS A 557 16.52 -24.19 17.79
CA LYS A 557 16.53 -25.26 18.81
C LYS A 557 17.64 -25.03 19.85
N GLU A 558 18.77 -24.47 19.42
CA GLU A 558 19.89 -24.17 20.33
C GLU A 558 19.53 -23.13 21.40
N MET A 559 18.45 -22.36 21.20
CA MET A 559 18.01 -21.35 22.16
C MET A 559 17.07 -21.91 23.24
N ASP A 560 16.84 -23.21 23.22
CA ASP A 560 16.16 -23.89 24.33
C ASP A 560 17.15 -24.08 25.47
N LYS A 561 17.03 -23.27 26.52
CA LYS A 561 17.97 -23.29 27.66
C LYS A 561 17.72 -24.46 28.61
N ASP A 562 16.45 -24.70 28.92
CA ASP A 562 16.06 -25.66 29.97
C ASP A 562 15.62 -27.04 29.46
N ASN A 563 15.83 -27.30 28.18
CA ASN A 563 15.58 -28.60 27.56
C ASN A 563 14.12 -29.11 27.59
N ASP A 564 13.15 -28.20 27.53
CA ASP A 564 11.73 -28.58 27.35
C ASP A 564 11.34 -28.72 25.87
N GLY A 565 12.30 -28.54 24.96
CA GLY A 565 12.09 -28.71 23.53
C GLY A 565 11.65 -27.43 22.81
N ILE A 566 11.59 -26.31 23.54
CA ILE A 566 11.01 -25.05 23.04
C ILE A 566 12.07 -23.95 23.25
N PRO A 567 12.32 -23.12 22.23
CA PRO A 567 13.23 -21.99 22.51
C PRO A 567 12.72 -21.09 23.64
N ASP A 568 13.64 -20.60 24.48
CA ASP A 568 13.28 -19.74 25.62
C ASP A 568 13.33 -18.28 25.24
N ASN A 569 12.25 -17.55 25.49
CA ASN A 569 12.32 -16.09 25.42
C ASN A 569 13.12 -15.61 26.64
N GLU A 570 13.90 -14.54 26.47
CA GLU A 570 14.93 -14.19 27.47
C GLU A 570 14.58 -13.08 28.45
N GLY A 571 13.31 -12.65 28.47
CA GLY A 571 12.88 -11.59 29.39
C GLY A 571 13.35 -10.22 28.96
N ILE A 572 13.77 -10.11 27.71
CA ILE A 572 14.07 -8.86 27.06
C ILE A 572 13.32 -8.98 25.73
N PRO A 573 12.83 -7.86 25.16
CA PRO A 573 12.13 -8.07 23.89
C PRO A 573 13.00 -8.79 22.85
N ASP A 574 12.51 -9.93 22.37
CA ASP A 574 13.21 -10.78 21.39
C ASP A 574 12.20 -11.38 20.40
N GLN A 575 11.24 -10.56 20.01
CA GLN A 575 10.24 -10.92 19.00
C GLN A 575 9.46 -9.66 18.59
N THR A 576 8.49 -9.82 17.68
CA THR A 576 7.81 -8.69 17.01
C THR A 576 7.21 -7.68 17.99
N TYR A 577 6.74 -8.14 19.15
CA TYR A 577 6.22 -7.22 20.17
C TYR A 577 7.46 -6.72 20.86
N ASN A 578 8.12 -5.76 20.21
CA ASN A 578 9.51 -5.44 20.54
C ASN A 578 9.75 -4.51 21.74
N THR A 579 8.71 -4.26 22.55
CA THR A 579 8.89 -3.77 23.93
C THR A 579 8.12 -4.58 25.01
N TRP A 580 7.38 -5.60 24.60
CA TRP A 580 6.56 -6.40 25.51
C TRP A 580 7.33 -7.68 25.73
N SER A 581 8.03 -7.75 26.86
CA SER A 581 8.98 -8.85 27.09
C SER A 581 8.27 -10.17 27.36
N MET A 582 8.79 -11.22 26.76
CA MET A 582 8.39 -12.59 27.03
C MET A 582 9.59 -13.29 27.67
N LYS A 583 9.29 -14.23 28.55
CA LYS A 583 10.32 -14.95 29.31
C LYS A 583 9.87 -16.38 29.48
N GLY A 584 10.77 -17.30 29.16
CA GLY A 584 10.51 -18.73 29.22
C GLY A 584 9.83 -19.20 27.95
N THR A 585 8.81 -20.03 28.11
CA THR A 585 8.01 -20.48 26.98
C THR A 585 6.86 -19.51 26.88
N SER A 586 6.69 -18.93 25.69
CA SER A 586 5.60 -17.99 25.46
C SER A 586 4.58 -18.67 24.57
N ALA A 587 3.32 -18.29 24.73
CA ALA A 587 2.27 -18.78 23.82
C ALA A 587 2.59 -18.42 22.36
N TYR A 588 2.99 -17.16 22.17
CA TYR A 588 3.28 -16.63 20.83
C TYR A 588 4.43 -17.34 20.14
N CYS A 589 5.63 -17.27 20.70
CA CYS A 589 6.78 -17.89 20.03
C CYS A 589 6.72 -19.41 20.09
N GLY A 590 6.15 -19.93 21.18
CA GLY A 590 6.02 -21.36 21.35
C GLY A 590 5.10 -21.96 20.31
N SER A 591 3.95 -21.32 20.07
CA SER A 591 3.00 -21.87 19.08
C SER A 591 3.54 -21.76 17.65
N LEU A 592 4.24 -20.67 17.36
CA LEU A 592 4.90 -20.51 16.08
C LEU A 592 5.95 -21.58 15.84
N TRP A 593 6.71 -21.90 16.89
CA TRP A 593 7.68 -23.00 16.86
C TRP A 593 7.03 -24.35 16.55
N LEU A 594 5.95 -24.66 17.26
CA LEU A 594 5.22 -25.93 17.03
C LEU A 594 4.75 -26.03 15.59
N ALA A 595 4.15 -24.94 15.09
CA ALA A 595 3.65 -24.94 13.72
C ALA A 595 4.78 -25.04 12.69
N ALA A 596 5.89 -24.33 12.93
CA ALA A 596 7.04 -24.42 12.04
C ALA A 596 7.64 -25.85 11.97
N LEU A 597 7.69 -26.52 13.11
CA LEU A 597 8.12 -27.91 13.16
C LEU A 597 7.22 -28.80 12.34
N LYS A 598 5.92 -28.63 12.49
CA LYS A 598 4.96 -29.41 11.70
C LYS A 598 5.10 -29.13 10.20
N ALA A 599 5.26 -27.87 9.82
CA ALA A 599 5.50 -27.52 8.43
C ALA A 599 6.76 -28.18 7.85
N ALA A 600 7.84 -28.18 8.62
CA ALA A 600 9.08 -28.77 8.16
C ALA A 600 8.99 -30.28 8.02
N GLN A 601 8.27 -30.93 8.93
CA GLN A 601 7.90 -32.35 8.78
C GLN A 601 7.25 -32.62 7.44
N GLU A 602 6.24 -31.81 7.11
CA GLU A 602 5.53 -31.98 5.86
C GLU A 602 6.41 -31.72 4.66
N ILE A 603 7.27 -30.70 4.71
CA ILE A 603 8.21 -30.48 3.60
C ILE A 603 9.18 -31.67 3.44
N GLY A 604 9.68 -32.15 4.57
CA GLY A 604 10.49 -33.38 4.62
C GLY A 604 9.82 -34.55 3.90
N LYS A 605 8.54 -34.76 4.15
CA LYS A 605 7.78 -35.81 3.46
C LYS A 605 7.72 -35.53 1.97
N VAL A 606 7.39 -34.30 1.58
CA VAL A 606 7.31 -33.96 0.15
C VAL A 606 8.65 -34.19 -0.58
N LEU A 607 9.76 -33.79 0.05
CA LEU A 607 11.08 -33.87 -0.58
C LEU A 607 11.80 -35.18 -0.28
N LYS A 608 11.12 -36.08 0.44
CA LYS A 608 11.66 -37.41 0.78
C LYS A 608 12.96 -37.33 1.57
N ASP A 609 12.99 -36.44 2.57
CA ASP A 609 14.11 -36.27 3.48
C ASP A 609 13.67 -36.93 4.77
N ASN A 610 13.84 -38.25 4.82
CA ASN A 610 13.39 -39.04 5.96
C ASN A 610 13.98 -38.58 7.29
N GLU A 611 15.28 -38.33 7.32
CA GLU A 611 15.94 -37.99 8.57
C GLU A 611 15.44 -36.65 9.12
N ALA A 612 15.17 -35.71 8.23
CA ALA A 612 14.53 -34.45 8.63
C ALA A 612 13.13 -34.65 9.18
N TYR A 613 12.32 -35.43 8.47
CA TYR A 613 10.98 -35.77 8.95
C TYR A 613 11.02 -36.34 10.39
N ILE A 614 11.88 -37.33 10.62
CA ILE A 614 11.93 -37.96 11.94
C ILE A 614 12.39 -36.99 13.02
N LYS A 615 13.43 -36.20 12.73
CA LYS A 615 13.95 -35.27 13.72
C LYS A 615 12.91 -34.22 14.09
N TYR A 616 12.29 -33.58 13.08
CA TYR A 616 11.32 -32.53 13.38
C TYR A 616 10.03 -33.09 13.98
N ASN A 617 9.68 -34.33 13.65
CA ASN A 617 8.55 -35.02 14.31
C ASN A 617 8.86 -35.26 15.80
N GLU A 618 10.06 -35.71 16.10
CA GLU A 618 10.50 -35.92 17.50
C GLU A 618 10.49 -34.62 18.28
N TRP A 619 11.09 -33.57 17.71
CA TRP A 619 11.08 -32.27 18.37
C TRP A 619 9.66 -31.77 18.58
N TYR A 620 8.80 -31.97 17.60
CA TYR A 620 7.41 -31.53 17.68
C TYR A 620 6.61 -32.22 18.80
N LYS A 621 6.72 -33.54 18.90
CA LYS A 621 5.95 -34.26 19.92
C LYS A 621 6.34 -33.81 21.35
N ILE A 622 7.65 -33.65 21.59
CA ILE A 622 8.15 -33.21 22.90
C ILE A 622 7.68 -31.78 23.20
N ALA A 623 7.90 -30.88 22.25
CA ALA A 623 7.52 -29.49 22.42
C ALA A 623 6.00 -29.30 22.60
N GLN A 624 5.21 -30.03 21.83
CA GLN A 624 3.75 -29.95 21.90
C GLN A 624 3.26 -30.34 23.28
N GLN A 625 3.74 -31.48 23.76
CA GLN A 625 3.43 -31.96 25.12
C GLN A 625 3.75 -30.92 26.18
N ASN A 626 4.96 -30.37 26.09
CA ASN A 626 5.40 -29.41 27.08
C ASN A 626 4.72 -28.04 27.00
N PHE A 627 4.48 -27.57 25.78
CA PHE A 627 3.72 -26.35 25.55
C PHE A 627 2.36 -26.40 26.29
N GLU A 628 1.63 -27.49 26.07
CA GLU A 628 0.32 -27.70 26.68
C GLU A 628 0.42 -27.71 28.21
N LYS A 629 1.34 -28.49 28.76
CA LYS A 629 1.52 -28.55 30.23
C LYS A 629 1.88 -27.22 30.86
N GLU A 630 2.80 -26.50 30.22
CA GLU A 630 3.28 -25.25 30.73
C GLU A 630 2.27 -24.09 30.67
N LEU A 631 1.45 -24.06 29.62
CA LEU A 631 0.67 -22.86 29.32
C LEU A 631 -0.85 -22.98 29.40
N TRP A 632 -1.41 -24.16 29.20
CA TRP A 632 -2.88 -24.31 29.26
C TRP A 632 -3.39 -24.14 30.69
N ASN A 633 -4.25 -23.14 30.92
CA ASN A 633 -4.75 -22.84 32.27
C ASN A 633 -6.22 -23.25 32.52
N GLY A 634 -6.85 -23.88 31.54
CA GLY A 634 -8.27 -24.26 31.61
C GLY A 634 -9.24 -23.37 30.84
N GLU A 635 -8.85 -22.12 30.61
CA GLU A 635 -9.64 -21.16 29.82
C GLU A 635 -8.92 -20.63 28.56
N TYR A 636 -7.61 -20.46 28.65
CA TYR A 636 -6.79 -19.94 27.55
C TYR A 636 -5.34 -20.34 27.80
N TYR A 637 -4.44 -19.96 26.89
CA TYR A 637 -3.02 -20.21 27.03
C TYR A 637 -2.34 -19.01 27.66
N ASN A 638 -1.62 -19.23 28.76
CA ASN A 638 -0.93 -18.14 29.41
C ASN A 638 0.06 -17.42 28.48
N PHE A 639 0.26 -16.14 28.73
CA PHE A 639 1.18 -15.31 27.92
C PHE A 639 2.57 -15.96 27.86
N ASP A 640 3.09 -16.35 29.01
CA ASP A 640 4.34 -17.09 29.06
C ASP A 640 4.49 -17.80 30.40
N THR A 641 5.65 -18.38 30.66
CA THR A 641 5.89 -19.12 31.92
C THR A 641 6.62 -18.34 33.02
N GLU A 642 7.28 -17.24 32.69
CA GLU A 642 8.19 -16.56 33.66
C GLU A 642 8.04 -15.06 33.85
N SER A 643 7.20 -14.38 33.06
CA SER A 643 7.01 -12.93 33.21
C SER A 643 6.13 -12.60 34.41
N ASP A 644 6.18 -11.33 34.82
CA ASP A 644 5.38 -10.84 35.95
C ASP A 644 3.87 -10.97 35.70
N HIS A 645 3.43 -10.63 34.49
CA HIS A 645 2.02 -10.83 34.10
C HIS A 645 1.89 -12.02 33.14
N LYS A 646 2.44 -13.15 33.54
CA LYS A 646 2.38 -14.38 32.73
C LYS A 646 0.95 -14.88 32.40
N ASP A 647 -0.03 -14.49 33.21
CA ASP A 647 -1.43 -14.91 33.01
C ASP A 647 -2.25 -13.91 32.19
N SER A 648 -1.58 -12.95 31.55
CA SER A 648 -2.30 -12.07 30.63
C SER A 648 -2.84 -12.84 29.46
N ILE A 649 -4.00 -12.40 28.98
CA ILE A 649 -4.65 -12.97 27.81
C ILE A 649 -4.11 -12.18 26.62
N MET A 650 -3.34 -12.86 25.77
CA MET A 650 -2.75 -12.22 24.59
C MET A 650 -3.62 -12.47 23.37
N ALA A 651 -3.90 -11.43 22.59
CA ALA A 651 -4.75 -11.59 21.41
C ALA A 651 -4.14 -12.57 20.42
N ASP A 652 -2.81 -12.54 20.30
CA ASP A 652 -2.06 -13.34 19.34
C ASP A 652 -1.47 -14.61 19.95
N GLN A 653 -1.99 -15.04 21.11
CA GLN A 653 -1.44 -16.21 21.82
C GLN A 653 -1.31 -17.47 20.97
N LEU A 654 -2.21 -17.70 20.01
CA LEU A 654 -2.14 -18.91 19.20
C LEU A 654 -1.82 -18.65 17.74
N ALA A 655 -0.93 -17.70 17.50
CA ALA A 655 -0.52 -17.37 16.13
C ALA A 655 -0.03 -18.57 15.32
N GLY A 656 0.63 -19.52 15.96
CA GLY A 656 1.05 -20.71 15.28
C GLY A 656 -0.09 -21.58 14.82
N GLN A 657 -1.12 -21.69 15.65
CA GLN A 657 -2.31 -22.45 15.24
C GLN A 657 -3.07 -21.77 14.10
N TRP A 658 -3.11 -20.44 14.11
CA TRP A 658 -3.68 -19.66 13.00
C TRP A 658 -3.03 -20.05 11.68
N TYR A 659 -1.70 -19.98 11.61
CA TYR A 659 -1.00 -20.38 10.41
C TYR A 659 -1.17 -21.87 10.10
N ALA A 660 -1.17 -22.72 11.12
CA ALA A 660 -1.42 -24.16 10.88
C ALA A 660 -2.78 -24.39 10.17
N ASP A 661 -3.80 -23.64 10.54
CA ASP A 661 -5.11 -23.73 9.84
C ASP A 661 -4.94 -23.39 8.34
N ILE A 662 -4.25 -22.30 8.06
CA ILE A 662 -4.05 -21.83 6.68
C ILE A 662 -3.22 -22.84 5.87
N LEU A 663 -2.24 -23.44 6.53
CA LEU A 663 -1.32 -24.37 5.87
C LEU A 663 -1.86 -25.80 5.85
N ARG A 664 -3.06 -26.00 6.41
CA ARG A 664 -3.71 -27.31 6.49
C ARG A 664 -2.85 -28.37 7.19
N LEU A 665 -2.26 -27.95 8.32
CA LEU A 665 -1.40 -28.80 9.13
C LEU A 665 -2.16 -29.45 10.30
N GLY A 666 -3.45 -29.18 10.40
CA GLY A 666 -4.28 -29.77 11.45
C GLY A 666 -4.12 -29.14 12.81
N ASP A 667 -4.41 -29.95 13.82
CA ASP A 667 -4.44 -29.49 15.19
C ASP A 667 -3.01 -29.56 15.71
N ILE A 668 -2.46 -28.42 16.09
CA ILE A 668 -1.23 -28.42 16.89
C ILE A 668 -1.58 -28.37 18.38
N LEU A 669 -2.78 -27.87 18.68
CA LEU A 669 -3.33 -27.83 20.02
C LEU A 669 -4.74 -28.39 19.93
N PRO A 670 -5.30 -28.87 21.06
CA PRO A 670 -6.64 -29.46 21.03
C PRO A 670 -7.71 -28.48 20.57
N LYS A 671 -8.62 -28.93 19.72
CA LYS A 671 -9.69 -28.09 19.18
C LYS A 671 -10.49 -27.39 20.27
N ASP A 672 -10.82 -28.13 21.33
CA ASP A 672 -11.59 -27.58 22.45
C ASP A 672 -10.86 -26.40 23.10
N HIS A 673 -9.56 -26.53 23.28
CA HIS A 673 -8.75 -25.51 23.93
C HIS A 673 -8.59 -24.28 23.04
N VAL A 674 -8.40 -24.50 21.75
CA VAL A 674 -8.31 -23.39 20.77
C VAL A 674 -9.63 -22.60 20.75
N GLN A 675 -10.75 -23.31 20.70
CA GLN A 675 -12.05 -22.66 20.74
C GLN A 675 -12.27 -21.84 22.00
N LYS A 676 -11.91 -22.41 23.16
CA LYS A 676 -12.01 -21.69 24.43
C LYS A 676 -11.14 -20.44 24.45
N ALA A 677 -9.92 -20.57 23.95
CA ALA A 677 -8.99 -19.43 23.92
C ALA A 677 -9.52 -18.31 23.04
N LEU A 678 -9.98 -18.67 21.84
CA LEU A 678 -10.55 -17.67 20.93
C LEU A 678 -11.80 -16.98 21.50
N LYS A 679 -12.67 -17.75 22.15
CA LYS A 679 -13.82 -17.17 22.84
C LYS A 679 -13.44 -16.21 23.97
N LYS A 680 -12.40 -16.57 24.72
CA LYS A 680 -11.87 -15.72 25.78
C LYS A 680 -11.32 -14.41 25.18
N ILE A 681 -10.57 -14.54 24.11
CA ILE A 681 -10.00 -13.35 23.45
C ILE A 681 -11.11 -12.41 22.98
N TYR A 682 -12.14 -12.97 22.33
CA TYR A 682 -13.30 -12.16 21.93
C TYR A 682 -13.99 -11.50 23.12
N GLU A 683 -14.23 -12.30 24.16
CA GLU A 683 -14.93 -11.83 25.34
C GLU A 683 -14.18 -10.71 26.08
N PHE A 684 -12.85 -10.80 26.08
CA PHE A 684 -11.99 -9.91 26.86
C PHE A 684 -11.32 -8.86 25.98
N ASN A 685 -10.34 -9.28 25.18
CA ASN A 685 -9.52 -8.33 24.40
C ASN A 685 -10.33 -7.52 23.39
N VAL A 686 -11.43 -8.07 22.91
CA VAL A 686 -12.33 -7.31 22.04
C VAL A 686 -13.43 -6.64 22.85
N MET A 687 -14.32 -7.42 23.48
CA MET A 687 -15.56 -6.87 24.01
C MET A 687 -15.39 -6.05 25.27
N LYS A 688 -14.32 -6.27 26.03
CA LYS A 688 -14.02 -5.42 27.20
C LYS A 688 -13.11 -4.26 26.86
N PHE A 689 -12.82 -4.04 25.56
CA PHE A 689 -12.01 -2.90 25.13
C PHE A 689 -12.90 -1.99 24.31
N GLU A 690 -13.31 -0.87 24.90
CA GLU A 690 -14.14 0.11 24.22
C GLU A 690 -15.33 -0.53 23.51
N ASN A 691 -16.01 -1.43 24.25
CA ASN A 691 -17.22 -2.09 23.78
C ASN A 691 -17.06 -2.85 22.44
N GLY A 692 -15.84 -3.35 22.16
CA GLY A 692 -15.62 -4.14 20.97
C GLY A 692 -15.71 -3.38 19.65
N LYS A 693 -15.54 -2.06 19.70
CA LYS A 693 -15.68 -1.19 18.53
C LYS A 693 -14.37 -0.69 17.96
N MET A 694 -13.23 -1.21 18.45
CA MET A 694 -11.92 -0.72 18.02
C MET A 694 -10.89 -1.80 17.78
N GLY A 695 -11.31 -3.06 17.66
CA GLY A 695 -10.40 -4.17 17.46
C GLY A 695 -10.05 -4.92 18.72
N ALA A 696 -9.00 -5.74 18.65
CA ALA A 696 -8.56 -6.55 19.78
C ALA A 696 -7.36 -5.89 20.43
N VAL A 697 -7.48 -5.48 21.68
CA VAL A 697 -6.31 -4.96 22.38
C VAL A 697 -5.35 -6.12 22.63
N ASN A 698 -4.05 -5.85 22.62
CA ASN A 698 -3.08 -6.94 22.64
C ASN A 698 -3.06 -7.75 23.94
N GLY A 699 -3.15 -7.08 25.08
CA GLY A 699 -3.00 -7.77 26.37
C GLY A 699 -4.09 -7.39 27.34
N MET A 700 -4.77 -8.39 27.90
CA MET A 700 -5.77 -8.13 28.94
C MET A 700 -5.54 -9.02 30.15
N ARG A 701 -5.69 -8.43 31.34
CA ARG A 701 -5.56 -9.16 32.60
C ARG A 701 -6.83 -10.01 32.81
N PRO A 702 -6.72 -11.13 33.55
CA PRO A 702 -7.90 -11.97 33.82
C PRO A 702 -9.10 -11.28 34.49
N ASP A 703 -8.88 -10.16 35.18
CA ASP A 703 -9.95 -9.38 35.79
C ASP A 703 -10.69 -8.44 34.82
N GLY A 704 -10.32 -8.47 33.53
CA GLY A 704 -11.00 -7.68 32.51
C GLY A 704 -10.47 -6.27 32.33
N ILE A 705 -9.30 -5.96 32.88
CA ILE A 705 -8.65 -4.66 32.75
C ILE A 705 -7.43 -4.84 31.84
N VAL A 706 -7.17 -3.83 31.00
CA VAL A 706 -6.06 -3.90 30.05
C VAL A 706 -4.73 -4.03 30.79
N ASP A 707 -3.85 -4.86 30.27
CA ASP A 707 -2.50 -5.08 30.82
C ASP A 707 -1.67 -3.82 30.57
N GLU A 708 -1.21 -3.20 31.66
CA GLU A 708 -0.46 -1.93 31.61
C GLU A 708 1.07 -2.13 31.72
N SER A 709 1.55 -3.37 31.57
CA SER A 709 2.98 -3.63 31.72
C SER A 709 3.83 -2.98 30.63
N ASP A 710 3.24 -2.72 29.46
CA ASP A 710 3.94 -2.06 28.36
C ASP A 710 2.92 -1.40 27.47
N ILE A 711 3.34 -0.35 26.77
CA ILE A 711 2.49 0.33 25.80
C ILE A 711 1.91 -0.63 24.75
N GLN A 712 2.70 -1.61 24.32
CA GLN A 712 2.21 -2.53 23.27
C GLN A 712 1.05 -3.40 23.70
N ALA A 713 1.01 -3.76 24.99
CA ALA A 713 -0.12 -4.50 25.55
C ALA A 713 -1.43 -3.69 25.51
N GLN A 714 -1.31 -2.37 25.53
CA GLN A 714 -2.45 -1.44 25.57
C GLN A 714 -2.82 -0.94 24.18
N GLU A 715 -2.16 -1.46 23.15
CA GLU A 715 -2.44 -1.10 21.78
C GLU A 715 -3.26 -2.20 21.13
N VAL A 716 -4.12 -1.76 20.21
CA VAL A 716 -4.68 -2.62 19.18
C VAL A 716 -3.72 -2.57 18.00
N TRP A 717 -3.33 -3.72 17.49
CA TRP A 717 -2.53 -3.79 16.25
C TRP A 717 -3.49 -4.21 15.15
N THR A 718 -3.65 -3.35 14.16
CA THR A 718 -4.62 -3.55 13.09
C THR A 718 -4.40 -4.86 12.37
N GLY A 719 -3.16 -5.21 12.06
CA GLY A 719 -2.84 -6.43 11.35
C GLY A 719 -3.00 -7.68 12.20
N VAL A 720 -2.73 -7.56 13.49
CA VAL A 720 -2.97 -8.65 14.43
C VAL A 720 -4.48 -8.91 14.52
N THR A 721 -5.26 -7.85 14.55
CA THR A 721 -6.71 -7.97 14.71
C THR A 721 -7.32 -8.58 13.46
N TYR A 722 -6.90 -8.15 12.28
CA TYR A 722 -7.46 -8.76 11.06
C TYR A 722 -7.05 -10.24 10.96
N ALA A 723 -5.82 -10.56 11.34
CA ALA A 723 -5.38 -11.96 11.36
C ALA A 723 -6.20 -12.81 12.35
N LEU A 724 -6.48 -12.25 13.52
CA LEU A 724 -7.30 -12.90 14.53
C LEU A 724 -8.71 -13.13 14.01
N ALA A 725 -9.25 -12.14 13.30
CA ALA A 725 -10.55 -12.29 12.65
C ALA A 725 -10.55 -13.46 11.66
N SER A 726 -9.50 -13.58 10.84
CA SER A 726 -9.42 -14.73 9.95
C SER A 726 -9.36 -16.06 10.70
N PHE A 727 -8.62 -16.10 11.80
CA PHE A 727 -8.53 -17.30 12.66
C PHE A 727 -9.92 -17.68 13.20
N MET A 728 -10.63 -16.70 13.73
CA MET A 728 -12.00 -16.93 14.23
C MET A 728 -12.91 -17.42 13.11
N LYS A 729 -12.81 -16.80 11.93
CA LYS A 729 -13.60 -17.23 10.78
C LYS A 729 -13.35 -18.70 10.41
N TYR A 730 -12.09 -19.11 10.32
CA TYR A 730 -11.77 -20.50 9.99
C TYR A 730 -12.31 -21.47 11.04
N ARG A 731 -12.37 -21.03 12.30
CA ARG A 731 -12.85 -21.87 13.41
C ARG A 731 -14.38 -21.80 13.61
N GLY A 732 -15.08 -21.21 12.65
CA GLY A 732 -16.53 -21.18 12.66
C GLY A 732 -17.15 -20.10 13.52
N MET A 733 -16.32 -19.20 14.09
CA MET A 733 -16.80 -18.12 14.94
C MET A 733 -17.07 -16.92 14.04
N THR A 734 -18.11 -17.04 13.22
CA THR A 734 -18.32 -16.10 12.12
C THR A 734 -18.70 -14.70 12.62
N GLU A 735 -19.65 -14.61 13.54
CA GLU A 735 -20.07 -13.34 14.10
C GLU A 735 -18.89 -12.70 14.80
N GLU A 736 -18.16 -13.46 15.60
CA GLU A 736 -17.03 -12.90 16.35
C GLU A 736 -15.96 -12.38 15.40
N ALA A 737 -15.69 -13.15 14.35
CA ALA A 737 -14.70 -12.76 13.33
C ALA A 737 -15.02 -11.40 12.73
N TYR A 738 -16.22 -11.26 12.18
CA TYR A 738 -16.59 -9.99 11.55
C TYR A 738 -16.77 -8.84 12.53
N ASN A 739 -17.25 -9.12 13.76
CA ASN A 739 -17.34 -8.09 14.77
C ASN A 739 -15.95 -7.56 15.15
N THR A 740 -15.00 -8.47 15.23
CA THR A 740 -13.63 -8.16 15.59
C THR A 740 -13.01 -7.28 14.50
N ALA A 741 -13.13 -7.71 13.25
CA ALA A 741 -12.63 -6.92 12.12
C ALA A 741 -13.34 -5.60 11.96
N TYR A 742 -14.64 -5.55 12.26
CA TYR A 742 -15.42 -4.32 12.06
C TYR A 742 -14.85 -3.11 12.78
N GLY A 743 -14.34 -3.31 13.99
CA GLY A 743 -13.74 -2.20 14.75
C GLY A 743 -12.54 -1.57 14.05
N VAL A 744 -11.80 -2.39 13.31
CA VAL A 744 -10.64 -1.88 12.54
C VAL A 744 -11.15 -1.08 11.34
N TYR A 745 -12.13 -1.64 10.63
CA TYR A 745 -12.77 -0.91 9.52
C TYR A 745 -13.33 0.42 10.01
N LYS A 746 -14.02 0.40 11.15
CA LYS A 746 -14.72 1.58 11.65
C LYS A 746 -13.74 2.68 11.99
N MET A 747 -12.68 2.32 12.68
CA MET A 747 -11.65 3.29 13.06
C MET A 747 -10.95 3.86 11.85
N THR A 748 -10.75 3.03 10.84
CA THR A 748 -10.02 3.47 9.65
C THR A 748 -10.87 4.34 8.73
N TYR A 749 -12.08 3.88 8.42
CA TYR A 749 -12.87 4.42 7.30
C TYR A 749 -14.12 5.19 7.68
N ASP A 750 -14.72 4.88 8.82
CA ASP A 750 -16.05 5.40 9.17
C ASP A 750 -16.00 6.83 9.68
N LYS A 751 -17.12 7.54 9.51
CA LYS A 751 -17.27 8.89 10.06
C LYS A 751 -17.03 8.97 11.57
N SER A 752 -17.34 7.90 12.28
CA SER A 752 -17.12 7.79 13.73
C SER A 752 -15.70 7.39 14.12
N GLY A 753 -14.82 7.13 13.14
CA GLY A 753 -13.46 6.67 13.41
C GLY A 753 -12.49 7.82 13.51
N LYS A 754 -11.22 7.56 13.17
CA LYS A 754 -10.16 8.54 13.42
C LYS A 754 -9.45 9.03 12.15
N GLY A 755 -10.01 8.72 10.99
CA GLY A 755 -9.54 9.30 9.73
C GLY A 755 -8.23 8.75 9.21
N TYR A 756 -8.11 7.42 9.15
CA TYR A 756 -6.87 6.77 8.71
C TYR A 756 -6.97 6.12 7.35
N TRP A 757 -8.01 6.44 6.59
CA TRP A 757 -8.13 5.92 5.23
C TRP A 757 -6.89 6.19 4.38
N PHE A 758 -6.44 5.14 3.69
CA PHE A 758 -5.24 5.20 2.86
C PHE A 758 -3.98 5.53 3.66
N ARG A 759 -4.00 5.22 4.96
CA ARG A 759 -2.79 5.31 5.77
C ARG A 759 -2.93 4.47 7.04
N THR A 760 -3.51 3.28 6.88
CA THR A 760 -3.82 2.43 8.04
C THR A 760 -2.57 2.24 8.89
N PRO A 761 -2.68 2.55 10.19
CA PRO A 761 -1.49 2.47 11.04
C PRO A 761 -1.23 1.09 11.61
N GLU A 762 -0.04 0.88 12.14
CA GLU A 762 0.23 -0.31 12.96
C GLU A 762 -0.78 -0.42 14.08
N ALA A 763 -0.91 0.66 14.84
CA ALA A 763 -1.58 0.57 16.13
C ALA A 763 -2.33 1.80 16.53
N TRP A 764 -3.33 1.59 17.38
CA TRP A 764 -3.90 2.68 18.15
C TRP A 764 -4.14 2.27 19.60
N THR A 765 -4.22 3.30 20.45
CA THR A 765 -4.58 3.13 21.85
C THR A 765 -6.09 3.42 22.03
N LYS A 766 -6.59 3.28 23.26
CA LYS A 766 -8.03 3.43 23.51
C LYS A 766 -8.63 4.81 23.13
N ASP A 767 -7.79 5.85 23.13
CA ASP A 767 -8.23 7.19 22.70
C ASP A 767 -8.30 7.35 21.17
N GLY A 768 -7.89 6.30 20.45
CA GLY A 768 -7.91 6.28 19.00
C GLY A 768 -6.69 6.89 18.33
N ASN A 769 -5.76 7.47 19.09
CA ASN A 769 -4.52 8.00 18.51
C ASN A 769 -3.58 6.87 18.13
N TYR A 770 -2.69 7.15 17.20
CA TYR A 770 -2.01 6.08 16.45
C TYR A 770 -0.50 6.03 16.59
N ARG A 771 0.04 4.91 16.15
CA ARG A 771 1.46 4.77 15.93
C ARG A 771 1.70 4.14 14.56
N ALA A 772 2.52 4.82 13.75
CA ALA A 772 3.08 4.35 12.48
C ALA A 772 2.01 4.21 11.40
N SER A 773 1.59 5.34 10.86
CA SER A 773 0.62 5.36 9.74
C SER A 773 1.29 4.75 8.52
N MET A 774 0.49 4.30 7.55
CA MET A 774 0.99 3.68 6.32
C MET A 774 1.82 2.42 6.61
N TYR A 775 1.17 1.41 7.17
CA TYR A 775 1.85 0.28 7.74
C TYR A 775 1.53 -1.01 6.99
N MET A 776 2.49 -1.91 6.88
CA MET A 776 2.32 -3.11 6.05
C MET A 776 1.38 -4.14 6.69
N ARG A 777 1.43 -4.26 8.01
CA ARG A 777 0.75 -5.36 8.72
C ARG A 777 -0.76 -5.53 8.42
N PRO A 778 -1.56 -4.44 8.31
CA PRO A 778 -3.01 -4.62 8.06
C PRO A 778 -3.39 -5.19 6.71
N LEU A 779 -2.43 -5.35 5.79
CA LEU A 779 -2.66 -6.18 4.60
C LEU A 779 -3.06 -7.61 4.96
N SER A 780 -2.84 -8.01 6.21
CA SER A 780 -3.34 -9.29 6.71
C SER A 780 -4.85 -9.50 6.57
N ILE A 781 -5.63 -8.44 6.33
CA ILE A 781 -7.07 -8.62 6.06
C ILE A 781 -7.29 -9.68 4.95
N TRP A 782 -6.37 -9.78 3.99
CA TRP A 782 -6.48 -10.80 2.92
C TRP A 782 -6.41 -12.24 3.41
N SER A 783 -5.92 -12.48 4.63
CA SER A 783 -6.06 -13.79 5.28
C SER A 783 -7.52 -14.18 5.53
N MET A 784 -8.43 -13.22 5.52
CA MET A 784 -9.85 -13.53 5.62
C MET A 784 -10.44 -14.11 4.33
N GLU A 785 -9.71 -14.06 3.24
CA GLU A 785 -10.17 -14.62 1.93
C GLU A 785 -9.59 -15.99 1.60
N VAL A 786 -8.83 -16.58 2.52
CA VAL A 786 -8.21 -17.89 2.26
C VAL A 786 -9.27 -18.98 1.95
C2 BGC B . 9.71 1.92 17.61
C3 BGC B . 9.53 0.49 17.09
C4 BGC B . 10.18 0.29 15.72
C5 BGC B . 11.57 0.88 15.65
C6 BGC B . 12.12 0.88 14.24
C1 BGC B . 11.17 2.31 17.48
O1 BGC B . 11.35 3.68 17.84
O2 BGC B . 9.26 1.95 18.96
O3 BGC B . 8.14 0.15 17.05
O4 BGC B . 10.38 -1.09 15.45
O5 BGC B . 11.54 2.21 16.11
O6 BGC B . 13.54 1.19 14.29
C2 BGC B . 10.08 -3.07 14.19
C3 BGC B . 9.16 -4.25 13.91
C4 BGC B . 8.13 -4.42 15.02
C5 BGC B . 7.39 -3.09 15.23
C6 BGC B . 6.30 -3.18 16.29
C1 BGC B . 9.38 -1.82 14.72
O2 BGC B . 10.85 -2.75 13.01
O3 BGC B . 9.95 -5.43 13.78
O4 BGC B . 7.19 -5.48 14.68
O5 BGC B . 8.34 -2.10 15.64
O6 BGC B . 5.41 -2.07 16.15
C1 GOL C . 11.62 9.52 8.73
O1 GOL C . 10.19 9.54 8.59
C2 GOL C . 12.15 8.21 9.31
O2 GOL C . 11.95 7.09 8.44
C3 GOL C . 13.66 8.37 9.49
O3 GOL C . 14.19 7.12 9.93
C1 GOL D . -15.58 -1.64 -18.19
O1 GOL D . -16.41 -1.98 -19.31
C2 GOL D . -16.42 -1.06 -17.05
O2 GOL D . -15.63 -0.95 -15.86
C3 GOL D . -16.97 0.31 -17.46
O3 GOL D . -17.67 0.91 -16.36
C1 GOL E . 15.77 2.16 -24.82
O1 GOL E . 15.36 3.17 -23.89
C2 GOL E . 17.24 1.87 -24.65
O2 GOL E . 18.00 3.06 -24.89
C3 GOL E . 17.50 1.37 -23.23
O3 GOL E . 16.46 0.46 -22.89
C1 GOL F . 2.98 -9.58 30.10
O1 GOL F . 2.53 -8.23 30.33
C2 GOL F . 4.39 -9.72 30.63
O2 GOL F . 4.42 -9.42 32.04
C3 GOL F . 5.31 -8.71 29.95
O3 GOL F . 6.63 -8.96 30.38
C1 GOL G . -17.07 10.89 6.89
O1 GOL G . -16.65 12.26 6.95
C2 GOL G . -16.59 10.27 5.58
O2 GOL G . -17.68 9.65 4.90
C3 GOL G . -15.48 9.25 5.82
O3 GOL G . -15.84 8.34 6.86
C1 GOL H . 7.96 -11.42 -10.27
O1 GOL H . 7.86 -11.14 -11.68
C2 GOL H . 9.38 -11.55 -9.71
O2 GOL H . 9.97 -10.27 -9.49
C3 GOL H . 10.29 -12.38 -10.62
O3 GOL H . 11.61 -12.36 -10.07
C1 GOL I . 26.08 -8.43 4.47
O1 GOL I . 27.29 -7.72 4.25
C2 GOL I . 24.93 -7.43 4.54
O2 GOL I . 23.81 -7.96 3.81
C3 GOL I . 24.64 -7.06 6.01
O3 GOL I . 24.25 -5.68 6.11
C1 GOL J . 21.02 -27.95 8.64
O1 GOL J . 20.92 -27.56 7.26
C2 GOL J . 22.22 -27.31 9.35
O2 GOL J . 22.49 -25.99 8.84
C3 GOL J . 21.95 -27.16 10.84
O3 GOL J . 22.94 -26.36 11.48
C1 GOL K . 19.43 -13.41 -9.71
O1 GOL K . 18.52 -12.33 -9.44
C2 GOL K . 18.65 -14.62 -10.19
O2 GOL K . 17.60 -14.17 -11.02
C3 GOL K . 19.54 -15.55 -11.01
O3 GOL K . 19.60 -15.04 -12.34
C1 GOL L . 0.81 20.92 2.87
O1 GOL L . 2.00 20.17 2.60
C2 GOL L . -0.02 21.22 1.61
O2 GOL L . 0.78 21.29 0.42
C3 GOL L . -1.11 20.18 1.40
O3 GOL L . -2.22 20.71 0.67
C1 GOL M . 9.14 -23.77 31.17
O1 GOL M . 8.67 -24.09 32.49
C2 GOL M . 10.25 -22.72 31.25
O2 GOL M . 9.80 -21.55 31.95
C3 GOL M . 10.67 -22.28 29.85
O3 GOL M . 11.50 -23.22 29.17
C1 GOL N . 17.45 -13.74 -6.82
O1 GOL N . 17.06 -12.55 -6.14
C2 GOL N . 17.36 -14.95 -5.90
O2 GOL N . 16.74 -14.61 -4.63
C3 GOL N . 16.60 -16.07 -6.62
O3 GOL N . 15.24 -15.70 -6.88
C1 GOL O . -5.05 -12.14 -15.62
O1 GOL O . -3.91 -12.08 -14.75
C2 GOL O . -5.14 -10.74 -16.21
O2 GOL O . -6.39 -10.55 -16.87
C3 GOL O . -3.93 -10.41 -17.12
O3 GOL O . -2.88 -11.38 -17.10
CA CA P . 12.86 -24.06 26.65
C1 EDO Q . 5.11 3.62 -3.64
O1 EDO Q . 4.99 4.16 -2.37
C2 EDO Q . 5.92 4.46 -4.54
O2 EDO Q . 7.27 4.56 -4.10
C1 EDO R . 14.30 4.24 11.86
O1 EDO R . 12.95 4.04 12.30
C2 EDO R . 14.54 4.02 10.37
O2 EDO R . 13.53 4.53 9.48
C1 GOL S . 8.39 6.37 22.62
O1 GOL S . 7.21 7.15 22.76
C2 GOL S . 8.68 6.17 21.14
O2 GOL S . 9.43 4.96 20.94
C3 GOL S . 9.47 7.33 20.57
O3 GOL S . 8.89 7.79 19.36
#